data_3TWR
#
_entry.id   3TWR
#
_cell.length_a   61.679
_cell.length_b   105.157
_cell.length_c   128.703
_cell.angle_alpha   90.00
_cell.angle_beta   90.00
_cell.angle_gamma   90.00
#
_symmetry.space_group_name_H-M   'P 21 21 21'
#
loop_
_entity.id
_entity.type
_entity.pdbx_description
1 polymer Tankyrase-2
2 polymer 'SH3 domain-binding protein 2'
3 non-polymer 'SULFATE ION'
4 non-polymer 3,6,9,12,15,18,21-HEPTAOXATRICOSANE-1,23-DIOL
5 water water
#
loop_
_entity_poly.entity_id
_entity_poly.type
_entity_poly.pdbx_seq_one_letter_code
_entity_poly.pdbx_strand_id
1 'polypeptide(L)'
;GAMGNSEADRQLLEAAKAGDVETVKKLCTVQSVNCRDIEGRQSTPLHFAAGYNRVSVVEYLLQHGADVHAKDKGGLVPLH
NACSYGHYEVAELLVKHGAVVNVADLWKFTPLHEAAAKGKYEICKLLLQHGADPTKKNRDGNTPLDLVKDGDTDIQDLLR
GDAAL
;
A,B,C,D
2 'polypeptide(L)' LPHLQRSPPDGQSFR(SET) E,F,G,H
#
loop_
_chem_comp.id
_chem_comp.type
_chem_comp.name
_chem_comp.formula
PE8 non-polymer 3,6,9,12,15,18,21-HEPTAOXATRICOSANE-1,23-DIOL 'C16 H34 O9'
SO4 non-polymer 'SULFATE ION' 'O4 S -2'
#
# COMPACT_ATOMS: atom_id res chain seq x y z
N SER A 6 -20.52 6.26 4.58
CA SER A 6 -21.23 5.78 5.75
C SER A 6 -20.25 5.52 6.89
N GLU A 7 -20.74 5.62 8.13
CA GLU A 7 -19.92 5.35 9.30
C GLU A 7 -19.39 3.92 9.26
N ALA A 8 -20.23 2.97 8.84
CA ALA A 8 -19.83 1.57 8.77
C ALA A 8 -18.67 1.36 7.80
N ASP A 9 -18.77 1.97 6.63
CA ASP A 9 -17.69 1.88 5.65
C ASP A 9 -16.40 2.51 6.17
N ARG A 10 -16.54 3.64 6.86
CA ARG A 10 -15.37 4.31 7.44
C ARG A 10 -14.69 3.36 8.43
N GLN A 11 -15.48 2.75 9.29
CA GLN A 11 -14.98 1.79 10.26
C GLN A 11 -14.31 0.60 9.59
N LEU A 12 -14.88 0.13 8.49
CA LEU A 12 -14.29 -0.99 7.77
C LEU A 12 -12.92 -0.61 7.19
N LEU A 13 -12.85 0.56 6.57
CA LEU A 13 -11.60 1.01 5.97
C LEU A 13 -10.52 1.17 7.04
N GLU A 14 -10.92 1.68 8.20
CA GLU A 14 -9.99 1.84 9.32
C GLU A 14 -9.52 0.50 9.83
N ALA A 15 -10.42 -0.47 9.91
CA ALA A 15 -10.08 -1.81 10.36
C ALA A 15 -9.12 -2.49 9.39
N ALA A 16 -9.36 -2.30 8.09
CA ALA A 16 -8.48 -2.88 7.08
C ALA A 16 -7.07 -2.31 7.22
N LYS A 17 -6.98 -0.99 7.37
CA LYS A 17 -5.70 -0.32 7.57
C LYS A 17 -4.96 -0.81 8.82
N ALA A 18 -5.71 -1.02 9.90
CA ALA A 18 -5.11 -1.41 11.17
C ALA A 18 -4.78 -2.90 11.27
N GLY A 19 -5.36 -3.71 10.38
CA GLY A 19 -5.20 -5.15 10.47
C GLY A 19 -6.09 -5.75 11.55
N ASP A 20 -7.22 -5.09 11.82
CA ASP A 20 -8.16 -5.55 12.84
C ASP A 20 -9.11 -6.55 12.20
N VAL A 21 -8.69 -7.81 12.16
CA VAL A 21 -9.39 -8.87 11.45
C VAL A 21 -10.83 -9.04 11.94
N GLU A 22 -11.00 -9.00 13.26
CA GLU A 22 -12.33 -9.23 13.83
C GLU A 22 -13.34 -8.16 13.45
N THR A 23 -12.91 -6.91 13.40
CA THR A 23 -13.78 -5.83 12.95
C THR A 23 -14.06 -5.92 11.45
N VAL A 24 -13.05 -6.30 10.68
CA VAL A 24 -13.26 -6.52 9.24
C VAL A 24 -14.35 -7.58 9.03
N LYS A 25 -14.28 -8.66 9.80
CA LYS A 25 -15.24 -9.74 9.64
C LYS A 25 -16.64 -9.29 9.99
N LYS A 26 -16.75 -8.38 10.94
CA LYS A 26 -18.06 -7.89 11.37
C LYS A 26 -18.67 -6.91 10.38
N LEU A 27 -17.83 -6.15 9.68
CA LEU A 27 -18.33 -5.08 8.82
C LEU A 27 -18.29 -5.40 7.33
N CYS A 28 -17.51 -6.41 6.95
CA CYS A 28 -17.39 -6.75 5.54
C CYS A 28 -18.67 -7.41 5.03
N THR A 29 -19.37 -6.71 4.14
CA THR A 29 -20.59 -7.23 3.53
C THR A 29 -20.40 -7.25 2.02
N VAL A 30 -21.35 -7.83 1.29
CA VAL A 30 -21.23 -7.84 -0.17
C VAL A 30 -21.25 -6.41 -0.70
N GLN A 31 -21.86 -5.51 0.06
CA GLN A 31 -21.97 -4.12 -0.34
C GLN A 31 -20.78 -3.24 0.09
N SER A 32 -20.06 -3.66 1.12
CA SER A 32 -18.97 -2.83 1.64
C SER A 32 -17.57 -3.31 1.28
N VAL A 33 -17.45 -4.54 0.79
CA VAL A 33 -16.13 -5.12 0.57
C VAL A 33 -15.28 -4.30 -0.40
N ASN A 34 -15.95 -3.65 -1.35
CA ASN A 34 -15.29 -2.80 -2.34
C ASN A 34 -15.63 -1.32 -2.20
N CYS A 35 -15.91 -0.89 -0.97
CA CYS A 35 -16.17 0.53 -0.73
C CYS A 35 -14.88 1.33 -0.94
N ARG A 36 -14.99 2.65 -0.90
CA ARG A 36 -13.87 3.52 -1.21
C ARG A 36 -13.79 4.69 -0.24
N ASP A 37 -12.57 5.05 0.15
CA ASP A 37 -12.32 6.14 1.06
C ASP A 37 -12.48 7.48 0.36
N ILE A 38 -13.71 8.00 0.39
CA ILE A 38 -14.05 9.19 -0.38
C ILE A 38 -13.27 10.42 0.07
N GLU A 39 -12.89 10.44 1.35
CA GLU A 39 -12.24 11.63 1.89
C GLU A 39 -10.72 11.60 1.78
N GLY A 40 -10.19 10.53 1.20
CA GLY A 40 -8.76 10.40 0.96
C GLY A 40 -8.47 10.27 -0.53
N ARG A 41 -7.89 9.15 -0.92
CA ARG A 41 -7.61 8.92 -2.35
C ARG A 41 -8.42 7.76 -2.91
N GLN A 42 -9.58 7.51 -2.31
CA GLN A 42 -10.49 6.46 -2.77
C GLN A 42 -9.91 5.06 -2.67
N SER A 43 -9.02 4.86 -1.72
CA SER A 43 -8.53 3.50 -1.46
C SER A 43 -9.69 2.61 -1.04
N THR A 44 -9.64 1.34 -1.47
CA THR A 44 -10.59 0.32 -1.03
C THR A 44 -10.03 -0.38 0.21
N PRO A 45 -10.84 -1.20 0.90
CA PRO A 45 -10.27 -1.96 2.01
C PRO A 45 -9.05 -2.77 1.57
N LEU A 46 -9.08 -3.31 0.36
CA LEU A 46 -7.94 -4.10 -0.13
C LEU A 46 -6.69 -3.25 -0.35
N HIS A 47 -6.86 -2.00 -0.81
CA HIS A 47 -5.70 -1.10 -0.92
C HIS A 47 -5.10 -0.88 0.46
N PHE A 48 -5.94 -0.60 1.44
CA PHE A 48 -5.42 -0.33 2.77
C PHE A 48 -4.71 -1.55 3.33
N ALA A 49 -5.34 -2.71 3.23
CA ALA A 49 -4.73 -3.90 3.81
C ALA A 49 -3.42 -4.22 3.10
N ALA A 50 -3.40 -4.06 1.77
CA ALA A 50 -2.18 -4.33 1.01
C ALA A 50 -1.05 -3.35 1.38
N GLY A 51 -1.37 -2.06 1.46
CA GLY A 51 -0.33 -1.09 1.70
C GLY A 51 0.22 -1.11 3.11
N TYR A 52 -0.61 -1.54 4.05
CA TYR A 52 -0.20 -1.61 5.46
C TYR A 52 0.22 -3.02 5.88
N ASN A 53 0.37 -3.91 4.91
CA ASN A 53 0.91 -5.25 5.12
C ASN A 53 0.08 -6.09 6.10
N ARG A 54 -1.23 -6.03 5.92
CA ARG A 54 -2.15 -6.75 6.79
C ARG A 54 -2.57 -8.02 6.08
N VAL A 55 -1.69 -9.01 6.12
CA VAL A 55 -1.87 -10.25 5.35
C VAL A 55 -3.20 -10.97 5.61
N SER A 56 -3.53 -11.20 6.88
N SER A 56 -3.53 -11.19 6.88
CA SER A 56 -4.79 -11.89 7.19
CA SER A 56 -4.78 -11.88 7.23
C SER A 56 -6.01 -11.15 6.64
C SER A 56 -6.01 -11.15 6.69
N VAL A 57 -5.97 -9.82 6.69
CA VAL A 57 -7.07 -9.03 6.14
C VAL A 57 -7.08 -9.13 4.62
N VAL A 58 -5.92 -9.08 3.99
CA VAL A 58 -5.85 -9.21 2.54
C VAL A 58 -6.50 -10.52 2.12
N GLU A 59 -6.11 -11.60 2.79
CA GLU A 59 -6.71 -12.90 2.54
C GLU A 59 -8.23 -12.91 2.68
N TYR A 60 -8.71 -12.40 3.82
CA TYR A 60 -10.14 -12.40 4.07
C TYR A 60 -10.89 -11.59 3.01
N LEU A 61 -10.40 -10.38 2.74
CA LEU A 61 -11.03 -9.54 1.73
C LEU A 61 -11.07 -10.22 0.36
N LEU A 62 -9.96 -10.80 -0.07
CA LEU A 62 -9.97 -11.50 -1.36
C LEU A 62 -11.01 -12.62 -1.37
N GLN A 63 -11.04 -13.43 -0.31
CA GLN A 63 -12.01 -14.52 -0.22
C GLN A 63 -13.43 -14.01 -0.30
N HIS A 64 -13.65 -12.80 0.21
CA HIS A 64 -15.01 -12.26 0.27
C HIS A 64 -15.34 -11.30 -0.85
N GLY A 65 -14.53 -11.33 -1.91
CA GLY A 65 -14.91 -10.70 -3.17
C GLY A 65 -14.32 -9.32 -3.42
N ALA A 66 -13.25 -8.98 -2.70
CA ALA A 66 -12.55 -7.73 -2.98
C ALA A 66 -11.95 -7.77 -4.37
N ASP A 67 -11.99 -6.63 -5.05
CA ASP A 67 -11.54 -6.55 -6.43
C ASP A 67 -10.04 -6.25 -6.50
N VAL A 68 -9.24 -7.24 -6.90
N VAL A 68 -9.26 -7.23 -6.92
CA VAL A 68 -7.80 -7.02 -7.02
CA VAL A 68 -7.82 -7.05 -7.04
C VAL A 68 -7.45 -5.95 -8.05
C VAL A 68 -7.43 -6.00 -8.09
N HIS A 69 -8.37 -5.68 -8.97
CA HIS A 69 -8.10 -4.79 -10.11
C HIS A 69 -8.59 -3.36 -9.86
N ALA A 70 -9.17 -3.13 -8.69
CA ALA A 70 -9.77 -1.83 -8.41
C ALA A 70 -8.74 -0.72 -8.37
N LYS A 71 -9.01 0.35 -9.11
CA LYS A 71 -8.15 1.53 -9.10
C LYS A 71 -8.64 2.61 -8.16
N ASP A 72 -7.69 3.21 -7.43
CA ASP A 72 -8.00 4.35 -6.59
C ASP A 72 -8.02 5.65 -7.40
N LYS A 73 -8.12 6.79 -6.72
CA LYS A 73 -8.29 8.06 -7.41
C LYS A 73 -7.13 8.38 -8.36
N GLY A 74 -5.96 7.85 -8.06
CA GLY A 74 -4.78 8.12 -8.87
C GLY A 74 -4.47 6.99 -9.84
N GLY A 75 -5.37 6.01 -9.91
CA GLY A 75 -5.17 4.87 -10.78
C GLY A 75 -4.29 3.77 -10.22
N LEU A 76 -4.02 3.78 -8.92
CA LEU A 76 -3.25 2.69 -8.29
C LEU A 76 -4.15 1.52 -7.99
N VAL A 77 -3.65 0.30 -8.24
CA VAL A 77 -4.31 -0.91 -7.76
C VAL A 77 -3.58 -1.41 -6.52
N PRO A 78 -4.18 -2.33 -5.77
CA PRO A 78 -3.52 -2.75 -4.53
C PRO A 78 -2.12 -3.31 -4.76
N LEU A 79 -1.86 -3.88 -5.93
CA LEU A 79 -0.50 -4.35 -6.23
C LEU A 79 0.51 -3.20 -6.21
N HIS A 80 0.12 -2.00 -6.64
CA HIS A 80 1.02 -0.85 -6.52
C HIS A 80 1.39 -0.60 -5.05
N ASN A 81 0.40 -0.59 -4.18
CA ASN A 81 0.63 -0.33 -2.76
C ASN A 81 1.59 -1.35 -2.18
N ALA A 82 1.35 -2.62 -2.49
CA ALA A 82 2.18 -3.68 -1.94
C ALA A 82 3.62 -3.56 -2.40
N CYS A 83 3.80 -3.26 -3.67
CA CYS A 83 5.14 -3.21 -4.27
C CYS A 83 5.92 -1.99 -3.82
N SER A 84 5.25 -0.85 -3.72
CA SER A 84 5.91 0.37 -3.29
C SER A 84 6.47 0.19 -1.87
N TYR A 85 5.76 -0.53 -1.03
CA TYR A 85 6.12 -0.65 0.38
C TYR A 85 6.82 -1.97 0.75
N GLY A 86 7.16 -2.76 -0.27
CA GLY A 86 8.00 -3.92 -0.08
C GLY A 86 7.33 -5.13 0.53
N HIS A 87 6.01 -5.22 0.40
CA HIS A 87 5.26 -6.29 1.07
C HIS A 87 5.16 -7.49 0.12
N TYR A 88 6.16 -8.35 0.19
CA TYR A 88 6.31 -9.44 -0.77
C TYR A 88 5.17 -10.45 -0.68
N GLU A 89 4.85 -10.90 0.53
CA GLU A 89 3.77 -11.88 0.65
C GLU A 89 2.46 -11.33 0.08
N VAL A 90 2.14 -10.09 0.41
CA VAL A 90 0.92 -9.47 -0.11
C VAL A 90 0.98 -9.43 -1.64
N ALA A 91 2.11 -8.99 -2.20
CA ALA A 91 2.23 -8.96 -3.66
C ALA A 91 1.99 -10.32 -4.28
N GLU A 92 2.56 -11.36 -3.67
CA GLU A 92 2.40 -12.70 -4.19
C GLU A 92 0.94 -13.15 -4.12
N LEU A 93 0.25 -12.82 -3.03
CA LEU A 93 -1.17 -13.18 -2.92
C LEU A 93 -1.96 -12.49 -4.01
N LEU A 94 -1.66 -11.21 -4.27
CA LEU A 94 -2.42 -10.46 -5.27
C LEU A 94 -2.19 -11.03 -6.68
N VAL A 95 -0.92 -11.27 -7.01
CA VAL A 95 -0.60 -11.88 -8.29
C VAL A 95 -1.26 -13.25 -8.45
N LYS A 96 -1.26 -14.05 -7.38
CA LYS A 96 -1.84 -15.40 -7.47
C LYS A 96 -3.34 -15.29 -7.73
N HIS A 97 -3.95 -14.23 -7.24
CA HIS A 97 -5.38 -13.97 -7.46
C HIS A 97 -5.67 -13.22 -8.75
N GLY A 98 -4.66 -13.12 -9.62
CA GLY A 98 -4.90 -12.63 -10.95
C GLY A 98 -4.54 -11.19 -11.22
N ALA A 99 -3.91 -10.52 -10.26
CA ALA A 99 -3.51 -9.13 -10.45
C ALA A 99 -2.67 -8.99 -11.73
N VAL A 100 -2.99 -7.95 -12.52
CA VAL A 100 -2.22 -7.65 -13.73
C VAL A 100 -0.90 -6.99 -13.33
N VAL A 101 0.24 -7.57 -13.71
CA VAL A 101 1.51 -7.00 -13.27
C VAL A 101 1.91 -5.76 -14.07
N ASN A 102 1.45 -5.65 -15.32
CA ASN A 102 1.77 -4.47 -16.11
C ASN A 102 0.74 -3.34 -16.02
N VAL A 103 -0.05 -3.37 -14.96
CA VAL A 103 -1.04 -2.32 -14.72
C VAL A 103 -0.37 -0.96 -14.54
N ALA A 104 -1.01 0.09 -15.06
CA ALA A 104 -0.40 1.43 -15.04
C ALA A 104 -1.38 2.41 -14.41
N ASP A 105 -0.86 3.28 -13.54
CA ASP A 105 -1.70 4.33 -12.96
C ASP A 105 -1.87 5.53 -13.91
N LEU A 106 -2.44 6.62 -13.41
CA LEU A 106 -2.73 7.77 -14.27
C LEU A 106 -1.46 8.39 -14.85
N TRP A 107 -0.34 8.20 -14.15
CA TRP A 107 0.95 8.70 -14.58
C TRP A 107 1.76 7.60 -15.29
N LYS A 108 1.10 6.49 -15.60
CA LYS A 108 1.73 5.37 -16.28
C LYS A 108 2.85 4.69 -15.47
N PHE A 109 2.80 4.84 -14.15
CA PHE A 109 3.67 4.09 -13.25
C PHE A 109 3.10 2.69 -13.08
N THR A 110 3.95 1.68 -13.22
CA THR A 110 3.57 0.29 -12.99
C THR A 110 4.09 -0.15 -11.63
N PRO A 111 3.65 -1.32 -11.15
CA PRO A 111 4.20 -1.84 -9.90
C PRO A 111 5.71 -2.01 -9.95
N LEU A 112 6.26 -2.32 -11.13
CA LEU A 112 7.71 -2.46 -11.24
C LEU A 112 8.41 -1.11 -11.07
N HIS A 113 7.80 -0.03 -11.54
CA HIS A 113 8.36 1.31 -11.29
C HIS A 113 8.46 1.50 -9.78
N GLU A 114 7.40 1.12 -9.07
CA GLU A 114 7.39 1.30 -7.60
C GLU A 114 8.45 0.44 -6.92
N ALA A 115 8.47 -0.85 -7.22
CA ALA A 115 9.43 -1.74 -6.59
C ALA A 115 10.87 -1.33 -6.89
N ALA A 116 11.14 -0.91 -8.12
CA ALA A 116 12.48 -0.51 -8.51
C ALA A 116 12.91 0.76 -7.79
N ALA A 117 12.05 1.76 -7.79
CA ALA A 117 12.37 3.05 -7.18
C ALA A 117 12.62 2.89 -5.67
N LYS A 118 11.90 1.95 -5.06
CA LYS A 118 11.96 1.78 -3.61
C LYS A 118 12.94 0.69 -3.18
N GLY A 119 13.66 0.11 -4.14
CA GLY A 119 14.78 -0.75 -3.80
C GLY A 119 14.40 -2.15 -3.33
N LYS A 120 13.31 -2.67 -3.89
CA LYS A 120 12.77 -3.96 -3.48
C LYS A 120 13.12 -5.04 -4.51
N TYR A 121 14.26 -5.69 -4.29
CA TYR A 121 14.80 -6.66 -5.24
C TYR A 121 13.89 -7.88 -5.44
N GLU A 122 13.52 -8.55 -4.36
CA GLU A 122 12.69 -9.75 -4.46
C GLU A 122 11.36 -9.47 -5.14
N ILE A 123 10.75 -8.32 -4.82
CA ILE A 123 9.50 -7.98 -5.48
C ILE A 123 9.71 -7.68 -6.98
N CYS A 124 10.78 -6.98 -7.32
CA CYS A 124 11.11 -6.81 -8.74
C CYS A 124 11.23 -8.18 -9.43
N LYS A 125 11.92 -9.11 -8.77
CA LYS A 125 12.13 -10.44 -9.35
C LYS A 125 10.80 -11.16 -9.56
N LEU A 126 9.93 -11.09 -8.55
CA LEU A 126 8.58 -11.66 -8.64
C LEU A 126 7.78 -11.09 -9.80
N LEU A 127 7.78 -9.76 -9.92
CA LEU A 127 7.07 -9.10 -11.00
C LEU A 127 7.64 -9.53 -12.35
N LEU A 128 8.96 -9.55 -12.46
CA LEU A 128 9.57 -9.95 -13.72
C LEU A 128 9.23 -11.40 -14.07
N GLN A 129 9.18 -12.26 -13.06
CA GLN A 129 8.84 -13.67 -13.27
C GLN A 129 7.44 -13.80 -13.85
N HIS A 130 6.59 -12.82 -13.55
CA HIS A 130 5.22 -12.84 -14.05
C HIS A 130 5.01 -11.93 -15.26
N GLY A 131 6.11 -11.53 -15.90
CA GLY A 131 6.02 -10.83 -17.17
C GLY A 131 6.05 -9.32 -17.12
N ALA A 132 6.35 -8.74 -15.95
CA ALA A 132 6.45 -7.29 -15.85
C ALA A 132 7.50 -6.77 -16.83
N ASP A 133 7.22 -5.60 -17.41
CA ASP A 133 8.06 -5.04 -18.46
C ASP A 133 8.97 -3.94 -17.90
N PRO A 134 10.28 -4.25 -17.82
CA PRO A 134 11.25 -3.28 -17.31
C PRO A 134 11.51 -2.12 -18.28
N THR A 135 10.90 -2.15 -19.46
CA THR A 135 11.14 -1.12 -20.47
C THR A 135 9.98 -0.13 -20.60
N LYS A 136 8.93 -0.33 -19.82
CA LYS A 136 7.74 0.52 -19.93
C LYS A 136 8.02 1.92 -19.37
N LYS A 137 7.84 2.95 -20.20
CA LYS A 137 8.07 4.31 -19.76
C LYS A 137 6.82 4.87 -19.09
N ASN A 138 7.00 5.56 -17.98
CA ASN A 138 5.90 6.32 -17.37
C ASN A 138 5.77 7.65 -18.12
N ARG A 139 4.90 8.55 -17.64
CA ARG A 139 4.67 9.79 -18.38
C ARG A 139 5.88 10.73 -18.40
N ASP A 140 6.80 10.52 -17.46
CA ASP A 140 8.05 11.30 -17.42
C ASP A 140 9.02 10.75 -18.45
N GLY A 141 8.70 9.59 -19.01
CA GLY A 141 9.57 8.93 -19.98
C GLY A 141 10.59 8.03 -19.31
N ASN A 142 10.36 7.72 -18.05
CA ASN A 142 11.28 6.89 -17.28
C ASN A 142 10.82 5.44 -17.19
N THR A 143 11.74 4.52 -17.45
CA THR A 143 11.46 3.10 -17.22
C THR A 143 11.71 2.78 -15.74
N PRO A 144 11.29 1.58 -15.30
CA PRO A 144 11.59 1.23 -13.91
C PRO A 144 13.09 1.21 -13.66
N LEU A 145 13.87 0.78 -14.66
CA LEU A 145 15.33 0.81 -14.56
C LEU A 145 15.84 2.23 -14.31
N ASP A 146 15.25 3.20 -15.00
CA ASP A 146 15.63 4.62 -14.82
C ASP A 146 15.45 5.08 -13.38
N LEU A 147 14.52 4.46 -12.65
CA LEU A 147 14.21 4.92 -11.30
C LEU A 147 15.01 4.23 -10.20
N VAL A 148 15.87 3.28 -10.59
CA VAL A 148 16.66 2.56 -9.58
C VAL A 148 17.74 3.46 -8.99
N LYS A 149 17.85 3.44 -7.66
CA LYS A 149 18.89 4.16 -6.93
C LYS A 149 20.27 3.66 -7.32
N ASP A 150 21.24 4.58 -7.40
CA ASP A 150 22.59 4.23 -7.81
C ASP A 150 23.20 3.11 -6.98
N GLY A 151 22.85 3.06 -5.70
CA GLY A 151 23.40 2.06 -4.79
C GLY A 151 22.88 0.66 -5.03
N ASP A 152 21.71 0.54 -5.63
CA ASP A 152 21.08 -0.75 -5.85
C ASP A 152 21.54 -1.37 -7.17
N THR A 153 22.81 -1.74 -7.23
CA THR A 153 23.37 -2.29 -8.46
C THR A 153 22.76 -3.65 -8.79
N ASP A 154 22.33 -4.39 -7.76
CA ASP A 154 21.69 -5.67 -7.98
C ASP A 154 20.35 -5.54 -8.70
N ILE A 155 19.57 -4.54 -8.32
CA ILE A 155 18.30 -4.29 -8.97
C ILE A 155 18.52 -3.84 -10.41
N GLN A 156 19.51 -2.97 -10.61
CA GLN A 156 19.89 -2.55 -11.96
C GLN A 156 20.19 -3.77 -12.84
N ASP A 157 21.05 -4.65 -12.35
CA ASP A 157 21.41 -5.85 -13.11
C ASP A 157 20.17 -6.72 -13.37
N LEU A 158 19.30 -6.83 -12.38
CA LEU A 158 18.11 -7.66 -12.52
C LEU A 158 17.20 -7.17 -13.63
N LEU A 159 16.95 -5.86 -13.66
CA LEU A 159 16.04 -5.27 -14.64
C LEU A 159 16.66 -5.22 -16.03
N ARG A 160 18.00 -5.16 -16.09
CA ARG A 160 18.71 -5.14 -17.37
C ARG A 160 18.70 -6.50 -18.04
N GLY A 161 18.44 -7.54 -17.27
CA GLY A 161 18.52 -8.90 -17.77
C GLY A 161 19.97 -9.30 -17.94
N ASP A 162 20.83 -8.63 -17.18
CA ASP A 162 22.27 -8.86 -17.26
C ASP A 162 22.93 -8.48 -15.94
N GLY B 4 -5.99 32.96 -12.96
CA GLY B 4 -4.81 32.99 -12.11
C GLY B 4 -5.04 33.68 -10.78
N ASN B 5 -3.96 33.87 -10.01
CA ASN B 5 -4.05 34.64 -8.77
C ASN B 5 -4.46 36.08 -9.04
N SER B 6 -5.12 36.70 -8.06
CA SER B 6 -5.41 38.11 -8.15
C SER B 6 -4.10 38.87 -8.13
N GLU B 7 -4.13 40.11 -8.58
CA GLU B 7 -2.94 40.94 -8.60
C GLU B 7 -2.29 41.03 -7.22
N ALA B 8 -3.07 41.35 -6.20
CA ALA B 8 -2.52 41.48 -4.85
C ALA B 8 -1.91 40.17 -4.36
N ASP B 9 -2.59 39.05 -4.61
CA ASP B 9 -2.07 37.76 -4.17
C ASP B 9 -0.74 37.46 -4.86
N ARG B 10 -0.70 37.66 -6.17
N ARG B 10 -0.70 37.66 -6.17
CA ARG B 10 0.52 37.42 -6.94
CA ARG B 10 0.53 37.41 -6.92
C ARG B 10 1.66 38.27 -6.40
C ARG B 10 1.68 38.27 -6.43
N GLN B 11 1.39 39.55 -6.19
CA GLN B 11 2.43 40.46 -5.74
C GLN B 11 2.87 40.17 -4.30
N LEU B 12 1.92 39.72 -3.48
CA LEU B 12 2.25 39.37 -2.09
C LEU B 12 3.17 38.16 -2.06
N LEU B 13 2.84 37.14 -2.85
CA LEU B 13 3.68 35.96 -2.96
C LEU B 13 5.09 36.34 -3.41
N GLU B 14 5.17 37.17 -4.43
CA GLU B 14 6.47 37.64 -4.93
C GLU B 14 7.24 38.44 -3.89
N ALA B 15 6.55 39.30 -3.15
CA ALA B 15 7.17 40.12 -2.13
C ALA B 15 7.67 39.25 -0.98
N ALA B 16 6.89 38.24 -0.61
CA ALA B 16 7.31 37.33 0.46
C ALA B 16 8.58 36.58 0.07
N LYS B 17 8.64 36.10 -1.18
CA LYS B 17 9.82 35.39 -1.67
C LYS B 17 11.03 36.31 -1.65
N ALA B 18 10.82 37.58 -1.99
CA ALA B 18 11.93 38.54 -2.13
C ALA B 18 12.33 39.17 -0.82
N GLY B 19 11.48 39.09 0.20
CA GLY B 19 11.73 39.75 1.48
C GLY B 19 11.40 41.23 1.43
N ASP B 20 10.50 41.61 0.53
CA ASP B 20 10.06 42.99 0.37
C ASP B 20 8.98 43.28 1.40
N VAL B 21 9.40 43.58 2.63
N VAL B 21 9.42 43.57 2.62
CA VAL B 21 8.46 43.71 3.73
CA VAL B 21 8.51 43.75 3.75
C VAL B 21 7.50 44.91 3.59
C VAL B 21 7.49 44.86 3.50
N GLU B 22 7.95 45.97 2.95
CA GLU B 22 7.08 47.13 2.75
C GLU B 22 5.90 46.77 1.85
N THR B 23 6.15 45.99 0.81
CA THR B 23 5.06 45.55 -0.07
C THR B 23 4.16 44.53 0.62
N VAL B 24 4.76 43.65 1.41
CA VAL B 24 3.97 42.69 2.17
C VAL B 24 3.00 43.43 3.10
N LYS B 25 3.49 44.48 3.77
CA LYS B 25 2.64 45.26 4.66
C LYS B 25 1.46 45.89 3.93
N LYS B 26 1.70 46.37 2.71
CA LYS B 26 0.63 47.02 1.96
C LYS B 26 -0.43 46.04 1.45
N LEU B 27 -0.01 44.83 1.12
CA LEU B 27 -0.91 43.88 0.45
C LEU B 27 -1.52 42.83 1.36
N CYS B 28 -0.97 42.68 2.56
CA CYS B 28 -1.41 41.62 3.45
C CYS B 28 -2.76 41.96 4.10
N THR B 29 -3.76 41.13 3.81
CA THR B 29 -5.12 41.29 4.33
C THR B 29 -5.63 39.93 4.79
N VAL B 30 -6.78 39.91 5.45
CA VAL B 30 -7.41 38.64 5.77
C VAL B 30 -7.60 37.80 4.51
N GLN B 31 -7.87 38.47 3.38
CA GLN B 31 -8.13 37.76 2.13
C GLN B 31 -6.84 37.22 1.47
N SER B 32 -5.73 37.94 1.62
CA SER B 32 -4.52 37.59 0.89
C SER B 32 -3.49 36.79 1.68
N VAL B 33 -3.53 36.87 3.01
CA VAL B 33 -2.39 36.42 3.81
C VAL B 33 -2.05 34.93 3.63
N ASN B 34 -3.06 34.09 3.39
CA ASN B 34 -2.84 32.68 3.20
C ASN B 34 -3.19 32.23 1.78
N CYS B 35 -3.06 33.16 0.84
CA CYS B 35 -3.26 32.79 -0.56
C CYS B 35 -2.24 31.72 -0.97
N ARG B 36 -2.52 31.06 -2.10
CA ARG B 36 -1.66 30.00 -2.61
C ARG B 36 -1.18 30.25 -4.03
N ASP B 37 0.08 29.91 -4.26
CA ASP B 37 0.68 29.98 -5.57
C ASP B 37 0.06 28.91 -6.46
N ILE B 38 -0.93 29.32 -7.24
CA ILE B 38 -1.67 28.41 -8.11
C ILE B 38 -0.77 27.81 -9.20
N GLU B 39 0.22 28.60 -9.63
CA GLU B 39 1.08 28.22 -10.76
C GLU B 39 2.29 27.39 -10.36
N GLY B 40 2.52 27.23 -9.06
CA GLY B 40 3.70 26.53 -8.59
C GLY B 40 3.37 25.27 -7.83
N ARG B 41 3.79 25.21 -6.58
CA ARG B 41 3.44 24.07 -5.72
C ARG B 41 2.47 24.51 -4.63
N GLN B 42 1.78 25.62 -4.90
CA GLN B 42 0.71 26.10 -4.03
C GLN B 42 1.23 26.54 -2.67
N SER B 43 2.46 27.04 -2.65
CA SER B 43 3.01 27.65 -1.43
C SER B 43 2.23 28.90 -1.04
N THR B 44 2.16 29.15 0.26
CA THR B 44 1.60 30.39 0.78
C THR B 44 2.71 31.41 0.90
N PRO B 45 2.34 32.68 1.18
CA PRO B 45 3.39 33.67 1.45
C PRO B 45 4.35 33.24 2.56
N LEU B 46 3.83 32.61 3.62
CA LEU B 46 4.70 32.15 4.70
C LEU B 46 5.68 31.05 4.26
N HIS B 47 5.24 30.13 3.39
CA HIS B 47 6.14 29.13 2.82
C HIS B 47 7.30 29.83 2.13
N PHE B 48 7.00 30.81 1.28
CA PHE B 48 8.05 31.49 0.52
C PHE B 48 8.98 32.24 1.45
N ALA B 49 8.42 32.98 2.40
CA ALA B 49 9.26 33.77 3.30
C ALA B 49 10.15 32.84 4.13
N ALA B 50 9.60 31.73 4.58
CA ALA B 50 10.36 30.76 5.37
C ALA B 50 11.48 30.11 4.56
N GLY B 51 11.16 29.66 3.34
CA GLY B 51 12.13 28.96 2.50
C GLY B 51 13.27 29.85 2.04
N TYR B 52 12.98 31.13 1.85
CA TYR B 52 13.96 32.09 1.35
C TYR B 52 14.59 32.92 2.46
N ASN B 53 14.35 32.49 3.70
CA ASN B 53 15.00 33.11 4.88
C ASN B 53 14.70 34.60 5.01
N ARG B 54 13.43 34.97 4.83
CA ARG B 54 13.03 36.35 4.92
C ARG B 54 12.42 36.59 6.28
N VAL B 55 13.29 36.77 7.26
CA VAL B 55 12.88 36.85 8.65
C VAL B 55 11.86 37.95 8.94
N SER B 56 12.10 39.17 8.44
CA SER B 56 11.18 40.27 8.71
C SER B 56 9.79 39.97 8.15
N VAL B 57 9.74 39.32 6.99
CA VAL B 57 8.46 38.95 6.41
C VAL B 57 7.79 37.82 7.22
N VAL B 58 8.59 36.83 7.62
CA VAL B 58 8.05 35.74 8.43
C VAL B 58 7.41 36.32 9.68
N GLU B 59 8.12 37.20 10.37
CA GLU B 59 7.58 37.82 11.58
C GLU B 59 6.29 38.58 11.29
N TYR B 60 6.28 39.39 10.25
CA TYR B 60 5.09 40.19 9.95
C TYR B 60 3.90 39.30 9.64
N LEU B 61 4.12 38.30 8.80
CA LEU B 61 3.04 37.39 8.40
C LEU B 61 2.44 36.69 9.60
N LEU B 62 3.30 36.21 10.49
CA LEU B 62 2.85 35.50 11.69
C LEU B 62 2.02 36.41 12.60
N GLN B 63 2.32 37.70 12.60
CA GLN B 63 1.60 38.65 13.44
C GLN B 63 0.33 39.14 12.78
N HIS B 64 0.11 38.72 11.54
CA HIS B 64 -1.07 39.17 10.81
C HIS B 64 -1.83 38.04 10.14
N GLY B 65 -1.96 36.93 10.84
CA GLY B 65 -2.91 35.89 10.47
C GLY B 65 -2.39 34.74 9.63
N ALA B 66 -1.11 34.72 9.31
CA ALA B 66 -0.58 33.64 8.48
C ALA B 66 -0.72 32.30 9.17
N ASP B 67 -0.98 31.27 8.38
CA ASP B 67 -1.28 29.94 8.87
C ASP B 67 -0.01 29.10 8.95
N VAL B 68 0.50 28.88 10.16
N VAL B 68 0.48 28.88 10.16
CA VAL B 68 1.75 28.13 10.32
CA VAL B 68 1.73 28.15 10.36
C VAL B 68 1.59 26.68 9.89
C VAL B 68 1.59 26.68 9.96
N HIS B 69 0.35 26.22 9.82
CA HIS B 69 0.07 24.81 9.51
C HIS B 69 -0.34 24.58 8.04
N ALA B 70 -0.29 25.62 7.23
CA ALA B 70 -0.67 25.51 5.82
C ALA B 70 0.21 24.52 5.06
N LYS B 71 -0.42 23.65 4.28
CA LYS B 71 0.30 22.60 3.54
C LYS B 71 0.41 22.93 2.06
N ASP B 72 1.60 22.75 1.48
CA ASP B 72 1.76 22.91 0.05
C ASP B 72 1.34 21.63 -0.68
N LYS B 73 1.57 21.54 -2.00
CA LYS B 73 1.03 20.42 -2.77
C LYS B 73 1.60 19.08 -2.32
N GLY B 74 2.74 19.11 -1.64
CA GLY B 74 3.36 17.88 -1.18
C GLY B 74 3.09 17.60 0.29
N GLY B 75 2.26 18.44 0.92
CA GLY B 75 1.98 18.32 2.34
C GLY B 75 3.03 19.00 3.22
N LEU B 76 3.94 19.76 2.63
CA LEU B 76 4.96 20.47 3.42
C LEU B 76 4.37 21.71 4.07
N VAL B 77 4.69 21.91 5.35
CA VAL B 77 4.35 23.16 6.04
C VAL B 77 5.56 24.08 6.05
N PRO B 78 5.37 25.35 6.39
CA PRO B 78 6.53 26.25 6.30
C PRO B 78 7.72 25.81 7.16
N LEU B 79 7.48 25.11 8.26
CA LEU B 79 8.60 24.56 9.04
C LEU B 79 9.45 23.61 8.19
N HIS B 80 8.84 22.81 7.34
CA HIS B 80 9.62 21.96 6.45
C HIS B 80 10.53 22.83 5.58
N ASN B 81 9.99 23.93 5.04
CA ASN B 81 10.78 24.80 4.15
C ASN B 81 11.97 25.36 4.91
N ALA B 82 11.72 25.86 6.12
CA ALA B 82 12.81 26.44 6.91
C ALA B 82 13.90 25.42 7.18
N CYS B 83 13.49 24.21 7.54
CA CYS B 83 14.43 23.19 7.96
C CYS B 83 15.21 22.62 6.77
N SER B 84 14.54 22.46 5.63
CA SER B 84 15.19 21.97 4.41
C SER B 84 16.36 22.85 4.02
N TYR B 85 16.24 24.15 4.27
CA TYR B 85 17.20 25.14 3.78
C TYR B 85 18.06 25.74 4.88
N GLY B 86 17.98 25.15 6.07
CA GLY B 86 18.91 25.49 7.14
C GLY B 86 18.67 26.83 7.83
N HIS B 87 17.42 27.31 7.78
CA HIS B 87 17.12 28.63 8.33
C HIS B 87 16.69 28.52 9.80
N TYR B 88 17.70 28.65 10.67
CA TYR B 88 17.53 28.44 12.10
C TYR B 88 16.57 29.44 12.73
N GLU B 89 16.81 30.74 12.52
CA GLU B 89 15.93 31.74 13.13
C GLU B 89 14.49 31.57 12.64
N VAL B 90 14.31 31.33 11.34
CA VAL B 90 12.97 31.12 10.82
C VAL B 90 12.32 29.94 11.53
N ALA B 91 13.04 28.83 11.63
CA ALA B 91 12.49 27.66 12.30
C ALA B 91 12.06 27.97 13.73
N GLU B 92 12.90 28.72 14.46
N GLU B 92 12.91 28.70 14.46
CA GLU B 92 12.60 29.11 15.82
CA GLU B 92 12.58 29.11 15.83
C GLU B 92 11.32 29.96 15.89
C GLU B 92 11.30 29.95 15.89
N LEU B 93 11.19 30.91 14.98
CA LEU B 93 10.00 31.77 14.93
C LEU B 93 8.73 30.97 14.66
N LEU B 94 8.83 30.01 13.77
CA LEU B 94 7.68 29.17 13.45
C LEU B 94 7.29 28.31 14.66
N VAL B 95 8.28 27.69 15.29
CA VAL B 95 8.00 26.89 16.47
C VAL B 95 7.41 27.75 17.59
N LYS B 96 7.92 28.97 17.77
CA LYS B 96 7.40 29.89 18.78
C LYS B 96 5.94 30.25 18.52
N HIS B 97 5.55 30.24 17.25
CA HIS B 97 4.16 30.52 16.85
C HIS B 97 3.33 29.26 16.65
N GLY B 98 3.75 28.16 17.26
CA GLY B 98 2.93 26.96 17.30
C GLY B 98 3.12 25.90 16.22
N ALA B 99 4.18 26.00 15.41
CA ALA B 99 4.45 24.96 14.45
C ALA B 99 4.64 23.62 15.16
N VAL B 100 4.07 22.57 14.58
CA VAL B 100 4.19 21.22 15.12
C VAL B 100 5.50 20.57 14.63
N VAL B 101 6.42 20.28 15.55
N VAL B 101 6.36 20.27 15.58
CA VAL B 101 7.73 19.83 15.12
CA VAL B 101 7.72 19.80 15.28
C VAL B 101 7.74 18.44 14.48
C VAL B 101 7.74 18.46 14.53
N ASN B 102 6.77 17.60 14.84
CA ASN B 102 6.70 16.27 14.24
C ASN B 102 5.72 16.19 13.06
N VAL B 103 5.34 17.35 12.53
CA VAL B 103 4.43 17.39 11.39
C VAL B 103 4.94 16.55 10.22
N ALA B 104 4.04 15.84 9.56
CA ALA B 104 4.44 14.93 8.49
C ALA B 104 3.83 15.35 7.16
N ASP B 105 4.61 15.26 6.09
CA ASP B 105 4.10 15.53 4.75
C ASP B 105 3.42 14.29 4.17
N LEU B 106 3.09 14.31 2.89
CA LEU B 106 2.37 13.19 2.29
C LEU B 106 3.12 11.87 2.40
N TRP B 107 4.45 11.95 2.47
CA TRP B 107 5.31 10.77 2.52
C TRP B 107 5.76 10.47 3.94
N LYS B 108 5.13 11.14 4.91
CA LYS B 108 5.50 11.04 6.33
C LYS B 108 6.94 11.49 6.62
N PHE B 109 7.46 12.42 5.82
CA PHE B 109 8.71 13.11 6.16
C PHE B 109 8.38 14.19 7.17
N THR B 110 9.07 14.16 8.31
CA THR B 110 8.99 15.26 9.27
C THR B 110 10.05 16.31 8.94
N PRO B 111 9.99 17.47 9.60
CA PRO B 111 11.09 18.44 9.43
C PRO B 111 12.46 17.84 9.75
N LEU B 112 12.53 16.94 10.73
CA LEU B 112 13.80 16.27 11.07
C LEU B 112 14.28 15.38 9.93
N HIS B 113 13.36 14.65 9.28
CA HIS B 113 13.74 13.89 8.08
C HIS B 113 14.36 14.81 7.03
N GLU B 114 13.69 15.92 6.76
CA GLU B 114 14.14 16.86 5.73
C GLU B 114 15.51 17.45 6.08
N ALA B 115 15.67 17.91 7.32
CA ALA B 115 16.94 18.48 7.76
C ALA B 115 18.07 17.44 7.71
N ALA B 116 17.76 16.20 8.09
CA ALA B 116 18.76 15.13 8.06
C ALA B 116 19.19 14.86 6.61
N ALA B 117 18.22 14.73 5.73
CA ALA B 117 18.49 14.45 4.32
C ALA B 117 19.30 15.57 3.67
N LYS B 118 19.04 16.81 4.08
CA LYS B 118 19.68 17.98 3.49
C LYS B 118 20.99 18.33 4.18
N GLY B 119 21.34 17.58 5.22
CA GLY B 119 22.61 17.75 5.89
C GLY B 119 22.69 18.98 6.77
N LYS B 120 21.57 19.38 7.36
CA LYS B 120 21.51 20.60 8.14
C LYS B 120 21.68 20.30 9.63
N TYR B 121 22.93 20.29 10.07
CA TYR B 121 23.25 19.94 11.46
C TYR B 121 22.57 20.82 12.51
N GLU B 122 22.72 22.14 12.43
CA GLU B 122 22.14 23.00 13.47
C GLU B 122 20.62 22.83 13.51
N ILE B 123 20.00 22.66 12.36
CA ILE B 123 18.56 22.46 12.34
C ILE B 123 18.18 21.16 13.04
N CYS B 124 18.93 20.09 12.75
CA CYS B 124 18.64 18.81 13.40
C CYS B 124 18.73 18.94 14.92
N LYS B 125 19.78 19.60 15.38
CA LYS B 125 19.99 19.79 16.80
C LYS B 125 18.87 20.63 17.39
N LEU B 126 18.48 21.69 16.68
CA LEU B 126 17.41 22.58 17.16
C LEU B 126 16.07 21.84 17.29
N LEU B 127 15.75 21.05 16.27
CA LEU B 127 14.52 20.26 16.30
C LEU B 127 14.52 19.29 17.47
N LEU B 128 15.64 18.60 17.68
CA LEU B 128 15.76 17.68 18.81
C LEU B 128 15.56 18.41 20.15
N GLN B 129 16.12 19.62 20.25
CA GLN B 129 15.99 20.41 21.46
C GLN B 129 14.53 20.81 21.71
N HIS B 130 13.75 20.91 20.63
CA HIS B 130 12.31 21.20 20.72
C HIS B 130 11.48 19.93 20.80
N GLY B 131 12.12 18.80 21.07
CA GLY B 131 11.42 17.56 21.30
C GLY B 131 11.04 16.77 20.05
N ALA B 132 11.68 17.05 18.92
CA ALA B 132 11.42 16.26 17.72
C ALA B 132 11.79 14.81 17.98
N ASP B 133 10.97 13.90 17.43
CA ASP B 133 11.10 12.47 17.67
C ASP B 133 11.95 11.83 16.58
N PRO B 134 13.17 11.42 16.94
CA PRO B 134 14.07 10.86 15.93
C PRO B 134 13.72 9.41 15.55
N THR B 135 12.70 8.83 16.16
CA THR B 135 12.31 7.47 15.83
C THR B 135 11.20 7.40 14.77
N LYS B 136 10.72 8.56 14.34
CA LYS B 136 9.62 8.60 13.38
C LYS B 136 10.08 8.03 12.05
N LYS B 137 9.29 7.12 11.49
CA LYS B 137 9.62 6.56 10.20
C LYS B 137 8.73 7.12 9.11
N ASN B 138 9.31 7.43 7.96
CA ASN B 138 8.51 7.90 6.85
C ASN B 138 7.87 6.69 6.17
N ARG B 139 7.15 6.89 5.08
CA ARG B 139 6.44 5.77 4.47
C ARG B 139 7.36 4.69 3.92
N ASP B 140 8.62 5.04 3.65
CA ASP B 140 9.58 4.03 3.22
C ASP B 140 10.20 3.26 4.38
N GLY B 141 9.83 3.63 5.61
CA GLY B 141 10.32 2.96 6.78
C GLY B 141 11.61 3.56 7.33
N ASN B 142 11.98 4.72 6.79
CA ASN B 142 13.23 5.37 7.18
C ASN B 142 13.07 6.39 8.29
N THR B 143 13.97 6.31 9.28
CA THR B 143 14.05 7.35 10.30
C THR B 143 14.93 8.47 9.74
N PRO B 144 14.95 9.63 10.40
CA PRO B 144 15.88 10.67 9.90
C PRO B 144 17.33 10.17 9.83
N LEU B 145 17.76 9.36 10.79
CA LEU B 145 19.11 8.80 10.73
C LEU B 145 19.34 8.01 9.43
N ASP B 146 18.37 7.21 9.02
CA ASP B 146 18.49 6.42 7.81
C ASP B 146 18.70 7.28 6.55
N LEU B 147 18.28 8.54 6.61
CA LEU B 147 18.34 9.43 5.45
C LEU B 147 19.63 10.26 5.39
N VAL B 148 20.42 10.20 6.45
CA VAL B 148 21.67 10.96 6.47
C VAL B 148 22.66 10.45 5.42
N LYS B 149 23.24 11.37 4.66
CA LYS B 149 24.25 11.01 3.66
C LYS B 149 25.49 10.38 4.29
N ASP B 150 26.11 9.44 3.58
CA ASP B 150 27.25 8.70 4.13
C ASP B 150 28.34 9.59 4.70
N GLY B 151 28.56 10.75 4.09
CA GLY B 151 29.63 11.64 4.52
C GLY B 151 29.35 12.40 5.81
N ASP B 152 28.08 12.52 6.20
CA ASP B 152 27.70 13.32 7.35
C ASP B 152 27.73 12.54 8.67
N THR B 153 28.90 12.07 9.05
N THR B 153 28.91 12.07 9.05
CA THR B 153 29.04 11.24 10.24
CA THR B 153 29.09 11.25 10.24
C THR B 153 28.64 11.95 11.53
C THR B 153 28.59 11.95 11.50
N ASP B 154 28.80 13.27 11.56
CA ASP B 154 28.43 14.03 12.74
C ASP B 154 26.92 14.12 12.95
N ILE B 155 26.17 14.27 11.86
CA ILE B 155 24.71 14.24 11.95
C ILE B 155 24.26 12.85 12.37
N GLN B 156 24.96 11.82 11.88
CA GLN B 156 24.61 10.46 12.26
C GLN B 156 24.76 10.28 13.77
N ASP B 157 25.87 10.77 14.31
CA ASP B 157 26.10 10.67 15.76
C ASP B 157 25.09 11.49 16.53
N LEU B 158 24.69 12.63 15.96
CA LEU B 158 23.71 13.50 16.61
C LEU B 158 22.36 12.81 16.74
N LEU B 159 21.94 12.12 15.68
CA LEU B 159 20.63 11.51 15.64
C LEU B 159 20.61 10.17 16.38
N ARG B 160 21.77 9.53 16.47
CA ARG B 160 21.89 8.22 17.10
C ARG B 160 21.99 8.35 18.61
N GLY C 4 -33.43 -30.60 -23.31
CA GLY C 4 -33.67 -29.23 -22.87
C GLY C 4 -33.95 -29.12 -21.38
N ASN C 5 -34.24 -27.89 -20.94
CA ASN C 5 -34.53 -27.62 -19.53
C ASN C 5 -35.64 -28.50 -18.97
N SER C 6 -35.69 -28.65 -17.65
CA SER C 6 -36.87 -29.20 -16.97
C SER C 6 -37.96 -28.14 -17.05
N GLU C 7 -39.22 -28.52 -16.93
CA GLU C 7 -40.30 -27.55 -17.08
C GLU C 7 -40.20 -26.42 -16.06
N ALA C 8 -39.96 -26.75 -14.80
CA ALA C 8 -39.87 -25.73 -13.75
C ALA C 8 -38.74 -24.72 -14.00
N ASP C 9 -37.57 -25.23 -14.40
CA ASP C 9 -36.44 -24.34 -14.71
C ASP C 9 -36.71 -23.51 -15.96
N ARG C 10 -37.30 -24.13 -16.98
CA ARG C 10 -37.64 -23.40 -18.18
C ARG C 10 -38.57 -22.23 -17.84
N GLN C 11 -39.59 -22.53 -17.04
CA GLN C 11 -40.55 -21.52 -16.63
C GLN C 11 -39.89 -20.41 -15.82
N LEU C 12 -38.92 -20.77 -14.98
CA LEU C 12 -38.25 -19.77 -14.17
C LEU C 12 -37.39 -18.86 -15.04
N LEU C 13 -36.63 -19.46 -15.95
CA LEU C 13 -35.78 -18.68 -16.84
C LEU C 13 -36.64 -17.77 -17.71
N GLU C 14 -37.75 -18.31 -18.19
CA GLU C 14 -38.64 -17.53 -19.05
C GLU C 14 -39.26 -16.37 -18.28
N ALA C 15 -39.65 -16.62 -17.03
CA ALA C 15 -40.24 -15.57 -16.21
C ALA C 15 -39.22 -14.48 -15.89
N ALA C 16 -37.97 -14.88 -15.65
CA ALA C 16 -36.93 -13.89 -15.38
C ALA C 16 -36.71 -13.00 -16.60
N LYS C 17 -36.68 -13.62 -17.78
CA LYS C 17 -36.55 -12.87 -19.02
C LYS C 17 -37.72 -11.91 -19.23
N ALA C 18 -38.92 -12.34 -18.87
CA ALA C 18 -40.12 -11.57 -19.16
C ALA C 18 -40.44 -10.53 -18.08
N GLY C 19 -39.78 -10.65 -16.93
CA GLY C 19 -40.06 -9.79 -15.80
C GLY C 19 -41.33 -10.19 -15.05
N ASP C 20 -41.68 -11.46 -15.15
CA ASP C 20 -42.86 -12.00 -14.44
C ASP C 20 -42.50 -12.33 -13.00
N VAL C 21 -42.54 -11.32 -12.12
N VAL C 21 -42.54 -11.30 -12.14
CA VAL C 21 -42.03 -11.52 -10.77
CA VAL C 21 -42.12 -11.41 -10.76
C VAL C 21 -42.86 -12.50 -9.93
C VAL C 21 -42.85 -12.50 -9.99
N GLU C 22 -44.17 -12.58 -10.19
CA GLU C 22 -44.99 -13.54 -9.45
C GLU C 22 -44.58 -14.97 -9.73
N THR C 23 -44.28 -15.26 -10.99
CA THR C 23 -43.82 -16.60 -11.36
C THR C 23 -42.43 -16.89 -10.80
N VAL C 24 -41.55 -15.89 -10.82
CA VAL C 24 -40.22 -16.02 -10.24
C VAL C 24 -40.33 -16.37 -8.76
N LYS C 25 -41.17 -15.63 -8.03
CA LYS C 25 -41.39 -15.91 -6.61
C LYS C 25 -41.84 -17.35 -6.39
N LYS C 26 -42.72 -17.84 -7.26
CA LYS C 26 -43.26 -19.18 -7.13
C LYS C 26 -42.18 -20.25 -7.32
N LEU C 27 -41.29 -20.04 -8.28
CA LEU C 27 -40.38 -21.10 -8.72
C LEU C 27 -38.97 -20.99 -8.17
N CYS C 28 -38.63 -19.83 -7.64
CA CYS C 28 -37.27 -19.58 -7.16
C CYS C 28 -37.04 -20.29 -5.83
N THR C 29 -36.08 -21.21 -5.81
CA THR C 29 -35.70 -21.94 -4.62
C THR C 29 -34.19 -21.98 -4.55
N VAL C 30 -33.65 -22.46 -3.43
CA VAL C 30 -32.20 -22.55 -3.32
C VAL C 30 -31.63 -23.42 -4.42
N GLN C 31 -32.41 -24.41 -4.87
CA GLN C 31 -31.98 -25.30 -5.95
C GLN C 31 -32.02 -24.63 -7.32
N SER C 32 -33.05 -23.83 -7.59
CA SER C 32 -33.30 -23.35 -8.93
C SER C 32 -32.77 -21.95 -9.22
N VAL C 33 -32.44 -21.20 -8.17
CA VAL C 33 -32.16 -19.77 -8.34
C VAL C 33 -31.03 -19.48 -9.34
N ASN C 34 -30.04 -20.36 -9.36
CA ASN C 34 -28.91 -20.18 -10.29
C ASN C 34 -28.83 -21.27 -11.37
N CYS C 35 -29.99 -21.82 -11.74
CA CYS C 35 -30.05 -22.77 -12.84
C CYS C 35 -29.61 -22.09 -14.13
N ARG C 36 -29.28 -22.91 -15.13
CA ARG C 36 -28.76 -22.39 -16.39
C ARG C 36 -29.57 -22.88 -17.58
N ASP C 37 -29.77 -21.99 -18.54
CA ASP C 37 -30.34 -22.35 -19.82
C ASP C 37 -29.48 -23.50 -20.38
N ILE C 38 -30.12 -24.54 -20.93
CA ILE C 38 -29.37 -25.65 -21.53
C ILE C 38 -28.92 -25.29 -22.94
N GLU C 39 -29.70 -24.45 -23.60
CA GLU C 39 -29.35 -23.95 -24.92
C GLU C 39 -28.88 -22.52 -24.83
N GLY C 40 -28.27 -22.04 -25.91
CA GLY C 40 -27.87 -20.65 -25.99
C GLY C 40 -26.64 -20.42 -25.16
N ARG C 41 -26.71 -19.37 -24.34
CA ARG C 41 -25.55 -18.89 -23.62
C ARG C 41 -25.42 -19.53 -22.24
N GLN C 42 -26.34 -20.42 -21.88
CA GLN C 42 -26.36 -20.97 -20.53
C GLN C 42 -26.51 -19.87 -19.47
N SER C 43 -27.41 -18.93 -19.73
CA SER C 43 -27.65 -17.84 -18.79
C SER C 43 -28.41 -18.32 -17.57
N THR C 44 -28.18 -17.66 -16.44
CA THR C 44 -28.95 -17.86 -15.23
C THR C 44 -30.15 -16.93 -15.24
N PRO C 45 -31.09 -17.13 -14.31
CA PRO C 45 -32.21 -16.18 -14.23
C PRO C 45 -31.72 -14.75 -14.02
N LEU C 46 -30.65 -14.57 -13.25
CA LEU C 46 -30.15 -13.21 -13.04
C LEU C 46 -29.57 -12.62 -14.33
N HIS C 47 -28.89 -13.42 -15.15
CA HIS C 47 -28.44 -12.93 -16.45
C HIS C 47 -29.63 -12.41 -17.26
N PHE C 48 -30.69 -13.22 -17.34
CA PHE C 48 -31.85 -12.86 -18.14
C PHE C 48 -32.50 -11.60 -17.61
N ALA C 49 -32.74 -11.55 -16.30
CA ALA C 49 -33.40 -10.39 -15.70
C ALA C 49 -32.57 -9.13 -15.92
N ALA C 50 -31.25 -9.27 -15.80
CA ALA C 50 -30.37 -8.13 -15.95
C ALA C 50 -30.34 -7.64 -17.39
N GLY C 51 -30.23 -8.57 -18.32
CA GLY C 51 -30.10 -8.17 -19.72
C GLY C 51 -31.38 -7.57 -20.26
N TYR C 52 -32.51 -8.01 -19.72
CA TYR C 52 -33.81 -7.57 -20.21
C TYR C 52 -34.42 -6.47 -19.33
N ASN C 53 -33.60 -5.93 -18.44
CA ASN C 53 -33.97 -4.75 -17.65
C ASN C 53 -35.20 -4.98 -16.80
N ARG C 54 -35.23 -6.13 -16.14
CA ARG C 54 -36.35 -6.50 -15.30
C ARG C 54 -35.98 -6.21 -13.85
N VAL C 55 -36.15 -4.95 -13.46
CA VAL C 55 -35.67 -4.49 -12.17
C VAL C 55 -36.26 -5.23 -10.96
N SER C 56 -37.57 -5.44 -10.95
N SER C 56 -37.57 -5.44 -10.96
N SER C 56 -37.57 -5.43 -10.96
CA SER C 56 -38.20 -6.10 -9.80
CA SER C 56 -38.21 -6.09 -9.83
CA SER C 56 -38.21 -6.09 -9.83
C SER C 56 -37.72 -7.53 -9.67
C SER C 56 -37.75 -7.54 -9.68
C SER C 56 -37.69 -7.52 -9.67
N VAL C 57 -37.53 -8.22 -10.79
CA VAL C 57 -37.01 -9.58 -10.76
C VAL C 57 -35.54 -9.59 -10.32
N VAL C 58 -34.74 -8.65 -10.83
CA VAL C 58 -33.35 -8.55 -10.37
C VAL C 58 -33.28 -8.39 -8.84
N GLU C 59 -34.05 -7.44 -8.31
CA GLU C 59 -34.10 -7.24 -6.86
C GLU C 59 -34.46 -8.52 -6.14
N TYR C 60 -35.53 -9.16 -6.58
CA TYR C 60 -36.00 -10.37 -5.92
C TYR C 60 -34.95 -11.46 -5.95
N LEU C 61 -34.38 -11.70 -7.13
CA LEU C 61 -33.35 -12.72 -7.25
C LEU C 61 -32.16 -12.44 -6.33
N LEU C 62 -31.71 -11.18 -6.31
CA LEU C 62 -30.56 -10.84 -5.48
C LEU C 62 -30.85 -11.03 -3.99
N GLN C 63 -32.11 -10.83 -3.58
CA GLN C 63 -32.49 -11.03 -2.19
C GLN C 63 -32.74 -12.50 -1.85
N HIS C 64 -32.70 -13.35 -2.87
CA HIS C 64 -32.97 -14.76 -2.67
C HIS C 64 -31.90 -15.68 -3.26
N GLY C 65 -30.65 -15.23 -3.13
CA GLY C 65 -29.50 -16.09 -3.33
C GLY C 65 -28.94 -16.17 -4.74
N ALA C 66 -29.38 -15.28 -5.64
CA ALA C 66 -28.86 -15.31 -7.01
C ALA C 66 -27.39 -14.91 -7.01
N ASP C 67 -26.64 -15.44 -7.97
CA ASP C 67 -25.19 -15.39 -7.96
C ASP C 67 -24.64 -14.29 -8.90
N VAL C 68 -24.15 -13.19 -8.33
CA VAL C 68 -23.60 -12.13 -9.16
C VAL C 68 -22.28 -12.53 -9.82
N HIS C 69 -21.71 -13.65 -9.39
CA HIS C 69 -20.43 -14.12 -9.90
C HIS C 69 -20.59 -15.21 -10.94
N ALA C 70 -21.83 -15.61 -11.21
CA ALA C 70 -22.10 -16.69 -12.16
C ALA C 70 -21.78 -16.27 -13.59
N LYS C 71 -21.09 -17.15 -14.31
CA LYS C 71 -20.72 -16.84 -15.69
C LYS C 71 -21.49 -17.66 -16.70
N ASP C 72 -21.84 -17.04 -17.82
CA ASP C 72 -22.47 -17.78 -18.90
C ASP C 72 -21.42 -18.49 -19.76
N LYS C 73 -21.86 -19.05 -20.88
CA LYS C 73 -20.98 -19.86 -21.72
C LYS C 73 -19.75 -19.07 -22.20
N GLY C 74 -19.91 -17.77 -22.36
CA GLY C 74 -18.81 -16.92 -22.79
C GLY C 74 -18.07 -16.22 -21.67
N GLY C 75 -18.38 -16.58 -20.43
CA GLY C 75 -17.70 -15.98 -19.30
C GLY C 75 -18.29 -14.66 -18.84
N LEU C 76 -19.49 -14.31 -19.31
CA LEU C 76 -20.13 -13.07 -18.88
C LEU C 76 -20.83 -13.24 -17.54
N VAL C 77 -20.66 -12.27 -16.67
CA VAL C 77 -21.48 -12.19 -15.45
C VAL C 77 -22.67 -11.28 -15.72
N PRO C 78 -23.71 -11.33 -14.87
CA PRO C 78 -24.90 -10.52 -15.17
C PRO C 78 -24.60 -9.02 -15.31
N LEU C 79 -23.56 -8.52 -14.64
CA LEU C 79 -23.19 -7.12 -14.83
C LEU C 79 -22.78 -6.84 -16.29
N HIS C 80 -22.15 -7.79 -16.98
CA HIS C 80 -21.87 -7.58 -18.39
C HIS C 80 -23.17 -7.33 -19.16
N ASN C 81 -24.19 -8.15 -18.88
CA ASN C 81 -25.45 -8.02 -19.60
C ASN C 81 -26.08 -6.68 -19.37
N ALA C 82 -26.07 -6.24 -18.11
CA ALA C 82 -26.67 -4.95 -17.80
C ALA C 82 -25.94 -3.82 -18.50
N CYS C 83 -24.61 -3.88 -18.49
CA CYS C 83 -23.82 -2.79 -19.05
C CYS C 83 -23.91 -2.74 -20.57
N SER C 84 -23.92 -3.91 -21.20
CA SER C 84 -23.98 -3.99 -22.65
C SER C 84 -25.24 -3.33 -23.20
N TYR C 85 -26.32 -3.47 -22.44
CA TYR C 85 -27.62 -2.98 -22.90
C TYR C 85 -28.07 -1.70 -22.22
N GLY C 86 -27.17 -1.08 -21.47
CA GLY C 86 -27.40 0.26 -20.95
C GLY C 86 -28.38 0.36 -19.81
N HIS C 87 -28.51 -0.72 -19.04
CA HIS C 87 -29.45 -0.76 -17.92
C HIS C 87 -28.78 -0.28 -16.63
N TYR C 88 -28.86 1.02 -16.40
CA TYR C 88 -28.16 1.64 -15.30
C TYR C 88 -28.64 1.18 -13.93
N GLU C 89 -29.95 1.22 -13.71
CA GLU C 89 -30.47 0.85 -12.40
C GLU C 89 -30.08 -0.59 -12.06
N VAL C 90 -30.21 -1.50 -13.03
CA VAL C 90 -29.81 -2.89 -12.82
C VAL C 90 -28.32 -2.98 -12.51
N ALA C 91 -27.50 -2.23 -13.24
CA ALA C 91 -26.06 -2.27 -12.98
C ALA C 91 -25.77 -1.84 -11.55
N GLU C 92 -26.41 -0.76 -11.10
N GLU C 92 -26.44 -0.78 -11.11
CA GLU C 92 -26.22 -0.30 -9.74
CA GLU C 92 -26.26 -0.27 -9.76
C GLU C 92 -26.64 -1.37 -8.73
C GLU C 92 -26.69 -1.30 -8.70
N LEU C 93 -27.80 -1.99 -8.96
CA LEU C 93 -28.28 -3.03 -8.04
C LEU C 93 -27.28 -4.19 -7.95
N LEU C 94 -26.73 -4.59 -9.08
CA LEU C 94 -25.78 -5.69 -9.08
C LEU C 94 -24.52 -5.31 -8.29
N VAL C 95 -24.01 -4.11 -8.52
CA VAL C 95 -22.82 -3.68 -7.79
C VAL C 95 -23.07 -3.59 -6.29
N LYS C 96 -24.27 -3.16 -5.92
CA LYS C 96 -24.66 -3.07 -4.52
C LYS C 96 -24.65 -4.44 -3.86
N HIS C 97 -24.87 -5.47 -4.66
CA HIS C 97 -24.91 -6.84 -4.18
C HIS C 97 -23.61 -7.60 -4.47
N GLY C 98 -22.54 -6.85 -4.70
CA GLY C 98 -21.22 -7.44 -4.72
C GLY C 98 -20.63 -7.73 -6.09
N ALA C 99 -21.37 -7.39 -7.16
CA ALA C 99 -20.82 -7.59 -8.50
C ALA C 99 -19.53 -6.79 -8.67
N VAL C 100 -18.51 -7.45 -9.22
CA VAL C 100 -17.19 -6.85 -9.37
C VAL C 100 -17.03 -6.19 -10.76
N VAL C 101 -16.64 -4.91 -10.77
CA VAL C 101 -16.69 -4.14 -12.02
C VAL C 101 -15.58 -4.48 -13.01
N ASN C 102 -14.56 -5.20 -12.56
CA ASN C 102 -13.42 -5.53 -13.40
C ASN C 102 -13.36 -6.99 -13.82
N VAL C 103 -14.45 -7.71 -13.62
N VAL C 103 -14.46 -7.71 -13.61
CA VAL C 103 -14.48 -9.14 -13.96
CA VAL C 103 -14.56 -9.11 -14.01
C VAL C 103 -14.35 -9.36 -15.48
C VAL C 103 -14.25 -9.27 -15.49
N ALA C 104 -13.54 -10.34 -15.85
CA ALA C 104 -13.21 -10.58 -17.26
C ALA C 104 -13.96 -11.79 -17.80
N ASP C 105 -14.49 -11.69 -19.03
CA ASP C 105 -15.06 -12.86 -19.68
C ASP C 105 -13.96 -13.71 -20.33
N LEU C 106 -14.35 -14.66 -21.17
CA LEU C 106 -13.37 -15.60 -21.72
C LEU C 106 -12.36 -14.93 -22.65
N TRP C 107 -12.73 -13.74 -23.15
CA TRP C 107 -11.84 -12.97 -24.02
C TRP C 107 -11.27 -11.77 -23.26
N LYS C 108 -11.40 -11.79 -21.93
CA LYS C 108 -10.94 -10.73 -21.03
C LYS C 108 -11.60 -9.36 -21.27
N PHE C 109 -12.82 -9.38 -21.78
CA PHE C 109 -13.64 -8.15 -21.83
C PHE C 109 -14.26 -7.95 -20.46
N THR C 110 -14.15 -6.74 -19.91
CA THR C 110 -14.80 -6.44 -18.64
C THR C 110 -16.11 -5.69 -18.91
N PRO C 111 -16.90 -5.47 -17.85
CA PRO C 111 -18.12 -4.69 -18.11
C PRO C 111 -17.81 -3.30 -18.63
N LEU C 112 -16.64 -2.74 -18.32
CA LEU C 112 -16.28 -1.44 -18.87
C LEU C 112 -15.94 -1.52 -20.37
N HIS C 113 -15.31 -2.63 -20.81
CA HIS C 113 -15.14 -2.84 -22.25
C HIS C 113 -16.52 -2.79 -22.91
N GLU C 114 -17.50 -3.46 -22.32
CA GLU C 114 -18.84 -3.53 -22.90
C GLU C 114 -19.51 -2.16 -22.96
N ALA C 115 -19.51 -1.46 -21.84
CA ALA C 115 -20.17 -0.16 -21.75
C ALA C 115 -19.52 0.86 -22.70
N ALA C 116 -18.21 0.81 -22.81
CA ALA C 116 -17.47 1.74 -23.67
C ALA C 116 -17.80 1.46 -25.14
N ALA C 117 -17.75 0.20 -25.51
CA ALA C 117 -17.99 -0.20 -26.89
C ALA C 117 -19.42 0.10 -27.33
N LYS C 118 -20.35 0.05 -26.36
CA LYS C 118 -21.76 0.23 -26.63
C LYS C 118 -22.21 1.68 -26.44
N GLY C 119 -21.27 2.56 -26.10
CA GLY C 119 -21.52 3.99 -26.06
C GLY C 119 -22.39 4.44 -24.90
N LYS C 120 -22.19 3.81 -23.74
CA LYS C 120 -23.01 4.08 -22.55
C LYS C 120 -22.21 4.92 -21.56
N TYR C 121 -22.35 6.24 -21.66
CA TYR C 121 -21.55 7.16 -20.84
C TYR C 121 -21.81 7.00 -19.34
N GLU C 122 -23.07 7.08 -18.94
CA GLU C 122 -23.39 6.99 -17.52
C GLU C 122 -22.98 5.65 -16.91
N ILE C 123 -23.14 4.58 -17.66
CA ILE C 123 -22.68 3.28 -17.18
C ILE C 123 -21.16 3.25 -17.03
N CYS C 124 -20.44 3.77 -18.03
CA CYS C 124 -18.99 3.90 -17.89
C CYS C 124 -18.62 4.67 -16.62
N LYS C 125 -19.30 5.79 -16.38
CA LYS C 125 -18.99 6.60 -15.20
C LYS C 125 -19.25 5.83 -13.91
N LEU C 126 -20.38 5.13 -13.84
CA LEU C 126 -20.68 4.28 -12.68
C LEU C 126 -19.56 3.26 -12.44
N LEU C 127 -19.14 2.57 -13.49
CA LEU C 127 -18.09 1.57 -13.36
C LEU C 127 -16.80 2.21 -12.85
N LEU C 128 -16.40 3.33 -13.45
CA LEU C 128 -15.19 4.04 -13.01
C LEU C 128 -15.28 4.48 -11.55
N GLN C 129 -16.47 4.92 -11.13
CA GLN C 129 -16.68 5.34 -9.75
C GLN C 129 -16.49 4.19 -8.75
N HIS C 130 -16.60 2.97 -9.26
CA HIS C 130 -16.38 1.77 -8.46
C HIS C 130 -15.03 1.12 -8.73
N GLY C 131 -14.13 1.87 -9.37
CA GLY C 131 -12.75 1.43 -9.53
C GLY C 131 -12.46 0.64 -10.79
N ALA C 132 -13.38 0.66 -11.76
CA ALA C 132 -13.13 -0.03 -13.03
C ALA C 132 -11.92 0.57 -13.71
N ASP C 133 -11.12 -0.30 -14.34
CA ASP C 133 -9.85 0.11 -14.91
C ASP C 133 -10.01 0.42 -16.40
N PRO C 134 -9.87 1.68 -16.79
CA PRO C 134 -10.09 2.04 -18.20
C PRO C 134 -8.92 1.64 -19.10
N THR C 135 -7.83 1.15 -18.52
CA THR C 135 -6.70 0.71 -19.36
C THR C 135 -6.41 -0.78 -19.23
N LYS C 136 -7.42 -1.54 -18.80
CA LYS C 136 -7.29 -2.99 -18.66
C LYS C 136 -7.43 -3.67 -20.02
N LYS C 137 -6.40 -4.40 -20.44
CA LYS C 137 -6.41 -5.02 -21.76
C LYS C 137 -7.21 -6.31 -21.81
N ASN C 138 -7.98 -6.47 -22.88
CA ASN C 138 -8.59 -7.75 -23.19
C ASN C 138 -7.60 -8.63 -23.98
N ARG C 139 -8.06 -9.79 -24.46
CA ARG C 139 -7.13 -10.72 -25.12
C ARG C 139 -6.65 -10.21 -26.47
N ASP C 140 -7.31 -9.19 -27.01
CA ASP C 140 -6.87 -8.57 -28.26
C ASP C 140 -5.81 -7.51 -27.99
N GLY C 141 -5.59 -7.20 -26.72
CA GLY C 141 -4.67 -6.14 -26.34
C GLY C 141 -5.36 -4.78 -26.28
N ASN C 142 -6.68 -4.77 -26.32
CA ASN C 142 -7.44 -3.51 -26.33
C ASN C 142 -7.97 -3.16 -24.96
N THR C 143 -7.88 -1.88 -24.61
CA THR C 143 -8.46 -1.38 -23.37
C THR C 143 -9.90 -0.94 -23.67
N PRO C 144 -10.69 -0.69 -22.62
CA PRO C 144 -12.02 -0.13 -22.91
C PRO C 144 -11.91 1.16 -23.71
N LEU C 145 -10.91 1.98 -23.42
CA LEU C 145 -10.72 3.22 -24.17
C LEU C 145 -10.53 2.95 -25.67
N ASP C 146 -9.73 1.93 -25.99
CA ASP C 146 -9.51 1.53 -27.37
C ASP C 146 -10.82 1.21 -28.11
N LEU C 147 -11.83 0.75 -27.38
CA LEU C 147 -13.07 0.29 -27.99
C LEU C 147 -14.13 1.37 -28.16
N VAL C 148 -13.86 2.56 -27.65
CA VAL C 148 -14.80 3.67 -27.80
C VAL C 148 -14.91 4.09 -29.26
N LYS C 149 -16.14 4.34 -29.73
CA LYS C 149 -16.36 4.79 -31.11
C LYS C 149 -15.90 6.24 -31.30
N ASP C 150 -15.41 6.55 -32.50
CA ASP C 150 -14.93 7.88 -32.83
C ASP C 150 -15.91 8.99 -32.45
N GLY C 151 -17.20 8.69 -32.57
CA GLY C 151 -18.23 9.68 -32.32
C GLY C 151 -18.45 10.00 -30.86
N ASP C 152 -18.03 9.08 -29.99
CA ASP C 152 -18.25 9.24 -28.56
C ASP C 152 -17.07 9.93 -27.87
N THR C 153 -16.79 11.16 -28.29
CA THR C 153 -15.71 11.95 -27.70
C THR C 153 -15.88 12.14 -26.20
N ASP C 154 -17.14 12.22 -25.73
CA ASP C 154 -17.37 12.36 -24.30
C ASP C 154 -16.90 11.14 -23.50
N ILE C 155 -17.18 9.95 -24.03
CA ILE C 155 -16.73 8.73 -23.36
C ILE C 155 -15.21 8.61 -23.41
N GLN C 156 -14.64 9.02 -24.54
CA GLN C 156 -13.19 9.02 -24.65
C GLN C 156 -12.59 9.90 -23.53
N ASP C 157 -13.11 11.11 -23.38
CA ASP C 157 -12.57 12.01 -22.36
C ASP C 157 -12.76 11.46 -20.95
N LEU C 158 -13.91 10.84 -20.71
CA LEU C 158 -14.20 10.23 -19.42
C LEU C 158 -13.17 9.17 -19.05
N LEU C 159 -12.88 8.27 -19.99
CA LEU C 159 -12.01 7.14 -19.70
C LEU C 159 -10.54 7.56 -19.58
N ARG C 160 -10.16 8.60 -20.32
CA ARG C 160 -8.78 9.13 -20.21
C ARG C 160 -8.54 9.72 -18.83
N GLY C 161 -9.53 10.42 -18.29
CA GLY C 161 -9.44 11.00 -16.97
C GLY C 161 -8.25 11.94 -16.83
N MET D 3 3.31 -30.79 36.27
CA MET D 3 4.58 -30.38 35.69
C MET D 3 4.37 -29.56 34.43
N GLY D 4 4.72 -28.28 34.49
CA GLY D 4 4.59 -27.40 33.34
C GLY D 4 4.71 -25.93 33.68
N ASN D 5 4.78 -25.11 32.63
CA ASN D 5 4.84 -23.66 32.76
C ASN D 5 3.63 -23.11 33.50
N SER D 6 3.83 -21.99 34.19
CA SER D 6 2.71 -21.31 34.82
C SER D 6 1.71 -20.94 33.73
N GLU D 7 0.45 -20.77 34.12
CA GLU D 7 -0.56 -20.32 33.17
C GLU D 7 -0.17 -18.98 32.58
N ALA D 8 0.38 -18.09 33.41
CA ALA D 8 0.77 -16.77 32.93
C ALA D 8 1.86 -16.85 31.86
N ASP D 9 2.82 -17.75 32.02
CA ASP D 9 3.90 -17.90 31.04
C ASP D 9 3.39 -18.53 29.75
N ARG D 10 2.51 -19.51 29.88
CA ARG D 10 1.90 -20.13 28.70
C ARG D 10 1.12 -19.09 27.89
N GLN D 11 0.32 -18.27 28.57
CA GLN D 11 -0.44 -17.22 27.90
C GLN D 11 0.49 -16.25 27.19
N LEU D 12 1.63 -15.94 27.82
CA LEU D 12 2.58 -15.01 27.24
C LEU D 12 3.22 -15.57 25.98
N LEU D 13 3.68 -16.83 26.07
CA LEU D 13 4.28 -17.50 24.92
C LEU D 13 3.30 -17.61 23.75
N GLU D 14 2.06 -17.95 24.05
CA GLU D 14 1.04 -18.06 23.02
C GLU D 14 0.73 -16.69 22.41
N ALA D 15 0.61 -15.66 23.26
CA ALA D 15 0.32 -14.32 22.77
C ALA D 15 1.45 -13.82 21.87
N ALA D 16 2.69 -14.10 22.24
CA ALA D 16 3.83 -13.69 21.41
C ALA D 16 3.79 -14.38 20.04
N LYS D 17 3.51 -15.68 20.05
CA LYS D 17 3.37 -16.43 18.82
C LYS D 17 2.26 -15.87 17.91
N ALA D 18 1.17 -15.44 18.54
CA ALA D 18 -0.03 -15.03 17.81
C ALA D 18 -0.02 -13.57 17.39
N GLY D 19 0.89 -12.78 17.97
CA GLY D 19 0.96 -11.36 17.72
C GLY D 19 -0.07 -10.59 18.53
N ASP D 20 -0.51 -11.18 19.64
CA ASP D 20 -1.52 -10.56 20.51
C ASP D 20 -0.81 -9.61 21.49
N VAL D 21 -0.48 -8.42 21.01
CA VAL D 21 0.32 -7.49 21.80
C VAL D 21 -0.39 -7.01 23.07
N GLU D 22 -1.71 -6.91 23.04
CA GLU D 22 -2.42 -6.45 24.24
C GLU D 22 -2.25 -7.45 25.39
N THR D 23 -2.31 -8.73 25.07
CA THR D 23 -2.06 -9.76 26.09
C THR D 23 -0.61 -9.78 26.54
N VAL D 24 0.32 -9.59 25.61
CA VAL D 24 1.73 -9.52 25.98
C VAL D 24 1.94 -8.39 27.00
N LYS D 25 1.31 -7.25 26.75
CA LYS D 25 1.46 -6.10 27.65
C LYS D 25 0.97 -6.42 29.05
N LYS D 26 -0.09 -7.22 29.12
CA LYS D 26 -0.72 -7.57 30.40
C LYS D 26 0.10 -8.56 31.22
N LEU D 27 1.07 -9.20 30.59
CA LEU D 27 1.79 -10.31 31.23
C LEU D 27 3.29 -10.10 31.36
N CYS D 28 3.83 -9.28 30.48
CA CYS D 28 5.28 -9.12 30.38
C CYS D 28 5.87 -8.36 31.56
N THR D 29 6.83 -9.00 32.25
CA THR D 29 7.57 -8.38 33.35
C THR D 29 9.01 -8.85 33.28
N VAL D 30 9.87 -8.24 34.08
N VAL D 30 9.86 -8.25 34.10
CA VAL D 30 11.26 -8.67 34.13
CA VAL D 30 11.25 -8.68 34.15
C VAL D 30 11.36 -10.16 34.50
C VAL D 30 11.35 -10.17 34.49
N GLN D 31 10.37 -10.68 35.23
CA GLN D 31 10.35 -12.11 35.59
C GLN D 31 10.01 -13.02 34.41
N SER D 32 9.04 -12.62 33.62
CA SER D 32 8.45 -13.51 32.61
C SER D 32 8.97 -13.29 31.19
N VAL D 33 9.62 -12.16 30.93
CA VAL D 33 9.88 -11.76 29.55
C VAL D 33 10.72 -12.75 28.76
N ASN D 34 11.62 -13.44 29.45
CA ASN D 34 12.48 -14.43 28.80
C ASN D 34 12.22 -15.86 29.25
N CYS D 35 10.98 -16.12 29.66
CA CYS D 35 10.54 -17.48 29.93
C CYS D 35 10.70 -18.34 28.67
N ARG D 36 10.67 -19.65 28.85
CA ARG D 36 10.87 -20.57 27.74
C ARG D 36 9.79 -21.64 27.69
N ASP D 37 9.40 -22.01 26.48
CA ASP D 37 8.59 -23.19 26.23
C ASP D 37 9.25 -24.38 26.94
N ILE D 38 8.46 -25.23 27.60
CA ILE D 38 9.02 -26.43 28.20
C ILE D 38 9.09 -27.50 27.13
N GLU D 39 8.18 -27.40 26.17
CA GLU D 39 8.15 -28.31 25.04
C GLU D 39 8.94 -27.71 23.89
N GLY D 40 8.92 -28.39 22.75
CA GLY D 40 9.54 -27.89 21.55
C GLY D 40 10.99 -27.53 21.76
N ARG D 41 11.37 -26.35 21.27
CA ARG D 41 12.78 -25.98 21.26
C ARG D 41 13.11 -24.98 22.35
N GLN D 42 12.25 -24.87 23.36
CA GLN D 42 12.50 -23.96 24.47
C GLN D 42 12.66 -22.50 24.02
N SER D 43 11.80 -22.09 23.08
CA SER D 43 11.77 -20.72 22.61
C SER D 43 11.30 -19.75 23.68
N THR D 44 11.84 -18.53 23.63
CA THR D 44 11.36 -17.43 24.46
C THR D 44 10.27 -16.70 23.69
N PRO D 45 9.53 -15.81 24.36
CA PRO D 45 8.52 -15.02 23.65
C PRO D 45 9.11 -14.29 22.43
N LEU D 46 10.34 -13.80 22.56
CA LEU D 46 10.98 -13.09 21.46
C LEU D 46 11.29 -14.02 20.28
N HIS D 47 11.68 -15.27 20.55
CA HIS D 47 11.86 -16.24 19.48
C HIS D 47 10.57 -16.42 18.69
N PHE D 48 9.47 -16.60 19.42
CA PHE D 48 8.17 -16.84 18.80
C PHE D 48 7.72 -15.63 18.00
N ALA D 49 7.80 -14.44 18.61
CA ALA D 49 7.38 -13.22 17.92
C ALA D 49 8.23 -12.98 16.67
N ALA D 50 9.53 -13.23 16.78
CA ALA D 50 10.43 -13.07 15.63
C ALA D 50 10.11 -14.07 14.51
N GLY D 51 9.93 -15.34 14.87
CA GLY D 51 9.74 -16.36 13.86
C GLY D 51 8.41 -16.25 13.15
N TYR D 52 7.41 -15.71 13.84
CA TYR D 52 6.06 -15.57 13.27
C TYR D 52 5.75 -14.17 12.78
N ASN D 53 6.79 -13.35 12.68
CA ASN D 53 6.67 -12.02 12.07
C ASN D 53 5.67 -11.13 12.79
N ARG D 54 5.74 -11.14 14.13
CA ARG D 54 4.86 -10.31 14.93
C ARG D 54 5.57 -9.04 15.36
N VAL D 55 5.56 -8.05 14.48
CA VAL D 55 6.37 -6.84 14.66
C VAL D 55 6.00 -6.06 15.92
N SER D 56 4.71 -5.85 16.15
N SER D 56 4.72 -5.83 16.14
CA SER D 56 4.29 -5.07 17.32
CA SER D 56 4.33 -5.07 17.32
C SER D 56 4.69 -5.76 18.63
C SER D 56 4.84 -5.77 18.58
N VAL D 57 4.71 -7.09 18.63
CA VAL D 57 5.16 -7.83 19.81
C VAL D 57 6.68 -7.76 19.93
N VAL D 58 7.38 -7.92 18.82
CA VAL D 58 8.83 -7.83 18.83
C VAL D 58 9.25 -6.48 19.41
N GLU D 59 8.64 -5.40 18.92
CA GLU D 59 9.04 -4.07 19.38
C GLU D 59 8.75 -3.91 20.87
N TYR D 60 7.58 -4.35 21.32
CA TYR D 60 7.25 -4.23 22.74
C TYR D 60 8.21 -5.05 23.60
N LEU D 61 8.45 -6.30 23.21
CA LEU D 61 9.38 -7.14 23.96
C LEU D 61 10.78 -6.52 24.08
N LEU D 62 11.30 -6.01 22.97
CA LEU D 62 12.64 -5.42 23.01
C LEU D 62 12.69 -4.22 23.94
N GLN D 63 11.58 -3.49 24.03
CA GLN D 63 11.53 -2.28 24.85
C GLN D 63 11.25 -2.59 26.32
N HIS D 64 11.00 -3.86 26.62
CA HIS D 64 10.68 -4.30 27.97
C HIS D 64 11.50 -5.51 28.39
N GLY D 65 12.77 -5.52 27.99
CA GLY D 65 13.75 -6.42 28.59
C GLY D 65 13.96 -7.78 27.95
N ALA D 66 13.38 -8.00 26.78
CA ALA D 66 13.58 -9.27 26.08
C ALA D 66 15.04 -9.44 25.69
N ASP D 67 15.50 -10.68 25.68
CA ASP D 67 16.92 -10.98 25.53
C ASP D 67 17.27 -11.38 24.10
N VAL D 68 17.92 -10.49 23.35
CA VAL D 68 18.32 -10.82 21.98
C VAL D 68 19.40 -11.90 21.95
N HIS D 69 19.99 -12.19 23.11
CA HIS D 69 21.05 -13.19 23.19
C HIS D 69 20.55 -14.57 23.63
N ALA D 70 19.26 -14.68 23.93
CA ALA D 70 18.71 -15.94 24.42
C ALA D 70 18.75 -17.01 23.34
N LYS D 71 19.19 -18.22 23.70
CA LYS D 71 19.27 -19.31 22.74
C LYS D 71 18.26 -20.41 23.04
N ASP D 72 17.66 -20.94 21.98
CA ASP D 72 16.75 -22.07 22.14
C ASP D 72 17.52 -23.38 22.23
N LYS D 73 16.81 -24.50 22.19
CA LYS D 73 17.42 -25.80 22.42
C LYS D 73 18.58 -26.08 21.47
N GLY D 74 18.48 -25.56 20.25
CA GLY D 74 19.49 -25.79 19.23
C GLY D 74 20.53 -24.69 19.14
N GLY D 75 20.51 -23.75 20.08
CA GLY D 75 21.42 -22.63 20.06
C GLY D 75 21.03 -21.46 19.17
N LEU D 76 19.78 -21.42 18.71
CA LEU D 76 19.34 -20.32 17.86
C LEU D 76 18.94 -19.11 18.71
N VAL D 77 19.36 -17.91 18.30
CA VAL D 77 18.85 -16.69 18.91
C VAL D 77 17.69 -16.18 18.07
N PRO D 78 16.90 -15.24 18.58
CA PRO D 78 15.74 -14.81 17.79
C PRO D 78 16.08 -14.28 16.41
N LEU D 79 17.28 -13.72 16.22
CA LEU D 79 17.67 -13.26 14.88
C LEU D 79 17.75 -14.43 13.90
N HIS D 80 18.14 -15.62 14.36
CA HIS D 80 18.09 -16.81 13.51
C HIS D 80 16.65 -17.03 13.01
N ASN D 81 15.68 -16.98 13.93
CA ASN D 81 14.28 -17.19 13.58
C ASN D 81 13.81 -16.20 12.53
N ALA D 82 14.12 -14.93 12.74
CA ALA D 82 13.71 -13.88 11.81
C ALA D 82 14.30 -14.11 10.42
N CYS D 83 15.57 -14.48 10.40
CA CYS D 83 16.30 -14.61 9.14
C CYS D 83 15.92 -15.86 8.37
N SER D 84 15.73 -16.97 9.09
CA SER D 84 15.30 -18.23 8.50
C SER D 84 13.99 -18.06 7.73
N TYR D 85 13.12 -17.21 8.28
CA TYR D 85 11.76 -17.06 7.75
C TYR D 85 11.54 -15.76 6.98
N GLY D 86 12.63 -15.07 6.65
CA GLY D 86 12.56 -13.93 5.74
C GLY D 86 11.91 -12.66 6.28
N HIS D 87 11.95 -12.49 7.60
CA HIS D 87 11.25 -11.36 8.23
C HIS D 87 12.18 -10.16 8.38
N TYR D 88 12.18 -9.32 7.36
CA TYR D 88 13.12 -8.21 7.23
C TYR D 88 13.01 -7.20 8.36
N GLU D 89 11.82 -6.65 8.56
CA GLU D 89 11.64 -5.64 9.62
C GLU D 89 12.01 -6.20 10.99
N VAL D 90 11.58 -7.42 11.28
CA VAL D 90 11.95 -8.04 12.55
C VAL D 90 13.46 -8.13 12.70
N ALA D 91 14.15 -8.59 11.65
CA ALA D 91 15.61 -8.69 11.71
C ALA D 91 16.24 -7.33 12.00
N GLU D 92 15.77 -6.30 11.32
CA GLU D 92 16.28 -4.95 11.51
C GLU D 92 16.06 -4.47 12.95
N LEU D 93 14.86 -4.68 13.49
CA LEU D 93 14.59 -4.31 14.89
C LEU D 93 15.53 -5.03 15.86
N LEU D 94 15.75 -6.32 15.63
CA LEU D 94 16.64 -7.08 16.48
C LEU D 94 18.07 -6.53 16.45
N VAL D 95 18.56 -6.24 15.25
CA VAL D 95 19.91 -5.68 15.11
C VAL D 95 20.00 -4.29 15.77
N LYS D 96 18.96 -3.47 15.61
CA LYS D 96 18.94 -2.15 16.21
C LYS D 96 19.01 -2.24 17.74
N HIS D 97 18.48 -3.34 18.26
N HIS D 97 18.50 -3.34 18.27
CA HIS D 97 18.50 -3.60 19.71
CA HIS D 97 18.51 -3.56 19.72
C HIS D 97 19.67 -4.49 20.12
C HIS D 97 19.69 -4.40 20.17
N GLY D 98 20.73 -4.47 19.34
CA GLY D 98 21.97 -5.12 19.74
C GLY D 98 22.16 -6.59 19.42
N ALA D 99 21.27 -7.19 18.63
CA ALA D 99 21.46 -8.56 18.20
C ALA D 99 22.81 -8.66 17.51
N VAL D 100 23.52 -9.75 17.79
CA VAL D 100 24.84 -9.96 17.21
C VAL D 100 24.69 -10.72 15.89
N VAL D 101 25.12 -10.11 14.79
N VAL D 101 25.16 -10.11 14.81
CA VAL D 101 24.82 -10.69 13.48
CA VAL D 101 24.88 -10.61 13.46
C VAL D 101 25.58 -11.98 13.18
C VAL D 101 25.60 -11.92 13.15
N ASN D 102 26.77 -12.13 13.76
CA ASN D 102 27.57 -13.32 13.48
C ASN D 102 27.50 -14.42 14.55
N VAL D 103 26.48 -14.35 15.40
CA VAL D 103 26.27 -15.36 16.44
C VAL D 103 26.02 -16.73 15.81
N ALA D 104 26.48 -17.78 16.48
CA ALA D 104 26.35 -19.13 15.92
C ALA D 104 25.59 -20.08 16.85
N ASP D 105 24.85 -21.01 16.26
CA ASP D 105 24.14 -22.01 17.03
C ASP D 105 25.04 -23.19 17.39
N LEU D 106 24.44 -24.28 17.86
CA LEU D 106 25.20 -25.45 18.30
C LEU D 106 26.06 -26.06 17.20
N TRP D 107 25.59 -25.91 15.96
CA TRP D 107 26.29 -26.43 14.79
C TRP D 107 27.12 -25.33 14.11
N LYS D 108 27.25 -24.21 14.79
CA LYS D 108 27.96 -23.03 14.26
C LYS D 108 27.35 -22.43 12.99
N PHE D 109 26.04 -22.59 12.84
CA PHE D 109 25.30 -21.88 11.80
C PHE D 109 25.00 -20.46 12.28
N THR D 110 25.32 -19.48 11.46
CA THR D 110 24.97 -18.10 11.77
C THR D 110 23.63 -17.76 11.13
N PRO D 111 23.06 -16.60 11.48
CA PRO D 111 21.85 -16.17 10.78
C PRO D 111 22.06 -16.11 9.26
N LEU D 112 23.25 -15.78 8.81
CA LEU D 112 23.52 -15.76 7.38
C LEU D 112 23.52 -17.17 6.75
N HIS D 113 24.02 -18.17 7.47
CA HIS D 113 23.92 -19.55 6.99
C HIS D 113 22.44 -19.90 6.79
N GLU D 114 21.63 -19.52 7.76
CA GLU D 114 20.22 -19.85 7.73
C GLU D 114 19.57 -19.16 6.54
N ALA D 115 19.82 -17.87 6.39
CA ALA D 115 19.19 -17.10 5.32
C ALA D 115 19.62 -17.58 3.94
N ALA D 116 20.92 -17.91 3.81
CA ALA D 116 21.45 -18.37 2.53
C ALA D 116 20.84 -19.71 2.14
N ALA D 117 20.77 -20.64 3.10
CA ALA D 117 20.22 -21.96 2.85
C ALA D 117 18.73 -21.92 2.52
N LYS D 118 18.02 -20.96 3.14
CA LYS D 118 16.58 -20.80 2.97
C LYS D 118 16.24 -19.93 1.76
N GLY D 119 17.26 -19.43 1.08
CA GLY D 119 17.08 -18.61 -0.12
C GLY D 119 16.46 -17.25 0.11
N LYS D 120 16.78 -16.64 1.25
CA LYS D 120 16.17 -15.36 1.62
C LYS D 120 17.05 -14.19 1.20
N TYR D 121 16.86 -13.72 -0.03
CA TYR D 121 17.74 -12.72 -0.61
C TYR D 121 17.79 -11.41 0.19
N GLU D 122 16.64 -10.81 0.45
CA GLU D 122 16.65 -9.54 1.17
C GLU D 122 17.30 -9.68 2.55
N ILE D 123 17.05 -10.79 3.23
CA ILE D 123 17.69 -11.02 4.53
C ILE D 123 19.21 -11.11 4.39
N CYS D 124 19.68 -11.87 3.41
CA CYS D 124 21.13 -11.95 3.18
C CYS D 124 21.74 -10.57 2.98
N LYS D 125 21.10 -9.77 2.14
CA LYS D 125 21.58 -8.43 1.85
C LYS D 125 21.59 -7.56 3.10
N LEU D 126 20.49 -7.60 3.86
CA LEU D 126 20.40 -6.84 5.10
C LEU D 126 21.50 -7.23 6.08
N LEU D 127 21.69 -8.53 6.26
CA LEU D 127 22.74 -9.01 7.17
C LEU D 127 24.13 -8.53 6.72
N LEU D 128 24.41 -8.61 5.42
CA LEU D 128 25.69 -8.13 4.92
C LEU D 128 25.86 -6.63 5.15
N GLN D 129 24.78 -5.87 4.99
CA GLN D 129 24.82 -4.43 5.22
C GLN D 129 25.12 -4.13 6.67
N HIS D 130 24.76 -5.06 7.55
CA HIS D 130 25.04 -4.93 8.98
C HIS D 130 26.31 -5.66 9.42
N GLY D 131 27.15 -6.06 8.47
CA GLY D 131 28.46 -6.59 8.79
C GLY D 131 28.57 -8.09 9.00
N ALA D 132 27.57 -8.83 8.53
CA ALA D 132 27.61 -10.30 8.59
C ALA D 132 28.75 -10.85 7.74
N ASP D 133 29.34 -11.95 8.21
CA ASP D 133 30.51 -12.56 7.56
C ASP D 133 30.09 -13.71 6.65
N PRO D 134 30.18 -13.54 5.32
CA PRO D 134 29.81 -14.60 4.39
C PRO D 134 30.86 -15.72 4.30
N THR D 135 31.95 -15.62 5.06
CA THR D 135 33.02 -16.63 5.00
C THR D 135 33.15 -17.49 6.27
N LYS D 136 32.26 -17.25 7.24
CA LYS D 136 32.34 -17.95 8.52
C LYS D 136 31.90 -19.42 8.39
N LYS D 137 32.79 -20.33 8.77
CA LYS D 137 32.51 -21.76 8.64
C LYS D 137 31.68 -22.30 9.79
N ASN D 138 30.69 -23.13 9.46
CA ASN D 138 29.99 -23.89 10.49
C ASN D 138 30.78 -25.15 10.83
N ARG D 139 30.19 -26.05 11.63
CA ARG D 139 30.91 -27.23 12.08
C ARG D 139 31.21 -28.23 10.96
N ASP D 140 30.42 -28.17 9.89
CA ASP D 140 30.65 -29.03 8.72
C ASP D 140 31.74 -28.46 7.83
N GLY D 141 32.25 -27.28 8.18
CA GLY D 141 33.26 -26.62 7.37
C GLY D 141 32.67 -25.76 6.26
N ASN D 142 31.36 -25.54 6.30
CA ASN D 142 30.67 -24.79 5.26
C ASN D 142 30.45 -23.33 5.60
N THR D 143 30.73 -22.45 4.64
CA THR D 143 30.38 -21.03 4.79
C THR D 143 28.93 -20.82 4.36
N PRO D 144 28.39 -19.63 4.65
CA PRO D 144 27.02 -19.36 4.15
C PRO D 144 26.97 -19.47 2.63
N LEU D 145 28.03 -19.04 1.95
CA LEU D 145 28.10 -19.15 0.50
C LEU D 145 27.96 -20.61 0.05
N ASP D 146 28.62 -21.51 0.78
CA ASP D 146 28.58 -22.94 0.46
C ASP D 146 27.16 -23.50 0.52
N LEU D 147 26.31 -22.88 1.33
CA LEU D 147 24.97 -23.40 1.60
C LEU D 147 23.90 -22.88 0.63
N VAL D 148 24.29 -21.95 -0.24
CA VAL D 148 23.33 -21.40 -1.21
C VAL D 148 22.93 -22.45 -2.25
N LYS D 149 21.63 -22.58 -2.46
CA LYS D 149 21.09 -23.49 -3.46
C LYS D 149 21.67 -23.20 -4.85
N ASP D 150 21.91 -24.25 -5.60
CA ASP D 150 22.59 -24.14 -6.89
C ASP D 150 21.89 -23.20 -7.86
N GLY D 151 20.57 -23.08 -7.71
CA GLY D 151 19.78 -22.22 -8.58
C GLY D 151 19.81 -20.75 -8.20
N ASP D 152 20.18 -20.46 -6.96
CA ASP D 152 20.17 -19.09 -6.47
C ASP D 152 21.47 -18.34 -6.77
N THR D 153 21.74 -18.13 -8.05
N THR D 153 21.74 -18.14 -8.06
CA THR D 153 22.97 -17.47 -8.48
CA THR D 153 22.95 -17.47 -8.49
C THR D 153 23.07 -16.02 -8.00
C THR D 153 23.06 -16.04 -7.96
N ASP D 154 21.92 -15.35 -7.87
CA ASP D 154 21.92 -13.97 -7.40
C ASP D 154 22.36 -13.86 -5.92
N ILE D 155 21.92 -14.79 -5.09
CA ILE D 155 22.40 -14.85 -3.71
C ILE D 155 23.90 -15.16 -3.64
N GLN D 156 24.36 -16.04 -4.54
CA GLN D 156 25.79 -16.35 -4.59
C GLN D 156 26.62 -15.10 -4.87
N ASP D 157 26.25 -14.36 -5.90
CA ASP D 157 26.94 -13.12 -6.25
C ASP D 157 26.89 -12.14 -5.09
N LEU D 158 25.73 -12.09 -4.43
CA LEU D 158 25.56 -11.21 -3.28
C LEU D 158 26.61 -11.48 -2.19
N LEU D 159 26.72 -12.74 -1.80
N LEU D 159 26.73 -12.74 -1.80
CA LEU D 159 27.62 -13.12 -0.71
CA LEU D 159 27.63 -13.12 -0.70
C LEU D 159 29.09 -12.98 -1.09
C LEU D 159 29.10 -13.01 -1.08
N ARG D 160 29.40 -13.24 -2.35
CA ARG D 160 30.78 -13.18 -2.81
C ARG D 160 31.29 -11.75 -2.85
N LEU E 4 -0.45 18.52 -11.32
CA LEU E 4 -0.95 17.74 -10.20
C LEU E 4 0.11 16.83 -9.60
N GLN E 5 0.22 16.87 -8.28
CA GLN E 5 1.16 16.01 -7.56
C GLN E 5 0.71 14.56 -7.63
N ARG E 6 1.62 13.67 -8.01
CA ARG E 6 1.37 12.24 -7.83
C ARG E 6 1.63 11.87 -6.37
N SER E 7 0.56 11.72 -5.61
CA SER E 7 0.68 11.37 -4.19
C SER E 7 0.97 9.88 -4.02
N PRO E 8 1.58 9.49 -2.89
CA PRO E 8 1.92 8.07 -2.75
C PRO E 8 0.72 7.20 -2.42
N PRO E 9 0.86 5.90 -2.66
CA PRO E 9 -0.23 4.98 -2.31
C PRO E 9 -0.45 4.92 -0.82
N ASP E 10 -1.67 4.62 -0.38
CA ASP E 10 -1.89 4.45 1.05
C ASP E 10 -1.08 3.25 1.51
N GLY E 11 -0.39 3.41 2.64
CA GLY E 11 0.43 2.35 3.19
C GLY E 11 1.73 2.87 3.74
N GLN E 12 2.56 1.96 4.24
CA GLN E 12 3.91 2.27 4.68
C GLN E 12 4.69 0.97 4.70
N SER E 13 6.01 1.06 4.68
N SER E 13 6.01 1.07 4.67
N SER E 13 6.02 1.06 4.66
CA SER E 13 6.85 -0.12 4.55
CA SER E 13 6.86 -0.11 4.56
CA SER E 13 6.83 -0.14 4.56
C SER E 13 7.08 -0.87 5.86
C SER E 13 6.97 -0.87 5.88
C SER E 13 6.97 -0.88 5.89
N PHE E 14 7.21 -0.13 6.96
CA PHE E 14 7.43 -0.75 8.27
C PHE E 14 6.19 -0.64 9.14
N ARG E 15 5.75 -1.78 9.68
CA ARG E 15 4.64 -1.83 10.62
C ARG E 15 4.94 -1.10 11.92
N SET E 16 6.22 -1.04 12.29
CA SET E 16 6.63 -0.30 13.51
CB SET E 16 8.01 -0.76 14.02
OG SET E 16 9.01 -0.49 13.04
NT SET E 16 6.38 1.57 11.97
C SET E 16 6.67 1.20 13.22
O SET E 16 6.98 2.00 14.11
N LEU F 4 12.17 13.30 -9.75
CA LEU F 4 11.79 13.49 -8.35
C LEU F 4 10.27 13.55 -8.18
N GLN F 5 9.71 12.55 -7.51
CA GLN F 5 8.30 12.55 -7.18
C GLN F 5 8.06 13.51 -6.03
N ARG F 6 8.83 13.32 -4.97
CA ARG F 6 8.80 14.24 -3.85
C ARG F 6 9.72 15.43 -4.12
N SER F 7 9.17 16.47 -4.77
N SER F 7 9.17 16.46 -4.77
CA SER F 7 9.94 17.64 -5.14
CA SER F 7 9.95 17.65 -5.13
C SER F 7 10.21 18.56 -3.95
C SER F 7 10.25 18.50 -3.91
N PRO F 8 11.31 19.32 -4.01
CA PRO F 8 11.73 20.14 -2.85
C PRO F 8 10.78 21.31 -2.55
N PRO F 9 10.77 21.74 -1.29
CA PRO F 9 9.97 22.92 -0.94
C PRO F 9 10.52 24.15 -1.62
N ASP F 10 9.67 25.16 -1.79
CA ASP F 10 10.15 26.47 -2.24
C ASP F 10 11.15 27.05 -1.26
N GLY F 11 12.27 27.55 -1.78
CA GLY F 11 13.29 28.16 -0.94
C GLY F 11 14.69 27.83 -1.42
N GLN F 12 15.70 28.30 -0.68
CA GLN F 12 17.09 28.02 -1.01
C GLN F 12 17.94 28.27 0.23
N SER F 13 19.08 27.62 0.30
CA SER F 13 19.90 27.67 1.51
C SER F 13 20.58 29.01 1.72
N PHE F 14 21.02 29.64 0.65
CA PHE F 14 21.82 30.86 0.79
C PHE F 14 21.19 32.08 0.15
N ARG F 15 21.29 33.21 0.85
CA ARG F 15 20.70 34.46 0.40
C ARG F 15 21.45 35.03 -0.81
N SET F 16 22.76 34.78 -0.88
CA SET F 16 23.56 35.23 -2.02
CB SET F 16 25.01 35.52 -1.57
OG SET F 16 25.62 34.33 -1.08
NT SET F 16 22.77 33.12 -2.89
C SET F 16 23.57 34.15 -3.11
O SET F 16 24.28 34.26 -4.10
N ARG G 6 -16.90 -14.58 -30.01
CA ARG G 6 -17.60 -13.81 -28.99
C ARG G 6 -18.93 -13.29 -29.53
N SER G 7 -20.00 -13.55 -28.80
CA SER G 7 -21.33 -13.12 -29.20
C SER G 7 -21.98 -12.32 -28.06
N PRO G 8 -23.07 -11.62 -28.35
CA PRO G 8 -23.66 -10.70 -27.37
C PRO G 8 -24.30 -11.42 -26.19
N PRO G 9 -24.38 -10.72 -25.04
CA PRO G 9 -25.06 -11.25 -23.86
C PRO G 9 -26.55 -11.44 -24.14
N ASP G 10 -27.21 -12.31 -23.40
CA ASP G 10 -28.67 -12.34 -23.45
C ASP G 10 -29.20 -11.01 -22.93
N GLY G 11 -30.18 -10.45 -23.64
CA GLY G 11 -30.73 -9.16 -23.25
C GLY G 11 -31.06 -8.32 -24.46
N GLN G 12 -31.57 -7.12 -24.23
CA GLN G 12 -31.82 -6.14 -25.29
C GLN G 12 -31.84 -4.74 -24.68
N SER G 13 -31.58 -3.73 -25.50
CA SER G 13 -31.49 -2.36 -25.00
C SER G 13 -32.83 -1.76 -24.61
N PHE G 14 -33.85 -2.02 -25.41
CA PHE G 14 -35.17 -1.43 -25.18
C PHE G 14 -36.24 -2.45 -24.80
N ARG G 15 -37.05 -2.12 -23.81
CA ARG G 15 -38.14 -2.99 -23.40
C ARG G 15 -39.25 -3.09 -24.43
N SET G 16 -39.44 -2.02 -25.20
CA SET G 16 -40.45 -2.00 -26.28
CB SET G 16 -40.89 -0.56 -26.60
OG SET G 16 -39.76 0.17 -27.11
NT SET G 16 -38.58 -2.87 -27.59
C SET G 16 -39.89 -2.62 -27.57
O SET G 16 -40.63 -2.83 -28.52
N GLN H 5 19.75 -34.12 15.42
CA GLN H 5 19.78 -33.48 14.09
C GLN H 5 19.26 -32.05 14.14
N ARG H 6 19.91 -31.17 13.38
CA ARG H 6 19.51 -29.76 13.34
C ARG H 6 18.12 -29.60 12.72
N SER H 7 17.20 -29.04 13.51
CA SER H 7 15.82 -28.82 13.07
C SER H 7 15.50 -27.33 13.01
N PRO H 8 14.39 -26.96 12.34
CA PRO H 8 14.07 -25.55 12.09
C PRO H 8 13.71 -24.75 13.35
N PRO H 9 13.97 -23.44 13.32
CA PRO H 9 13.51 -22.57 14.40
C PRO H 9 11.99 -22.49 14.43
N ASP H 10 11.43 -22.12 15.58
CA ASP H 10 10.00 -21.82 15.63
C ASP H 10 9.70 -20.63 14.74
N GLY H 11 8.67 -20.77 13.91
CA GLY H 11 8.28 -19.73 12.99
C GLY H 11 7.81 -20.26 11.65
N GLN H 12 7.50 -19.34 10.75
CA GLN H 12 7.11 -19.71 9.39
C GLN H 12 7.30 -18.50 8.48
N SER H 13 7.51 -18.75 7.20
CA SER H 13 7.81 -17.64 6.30
C SER H 13 6.58 -16.79 5.99
N PHE H 14 5.42 -17.41 5.92
CA PHE H 14 4.25 -16.69 5.45
C PHE H 14 3.14 -16.65 6.49
N ARG H 15 2.55 -15.48 6.67
CA ARG H 15 1.50 -15.31 7.67
C ARG H 15 0.18 -15.92 7.25
N SET H 16 -0.03 -16.06 5.94
CA SET H 16 -1.29 -16.61 5.42
CB SET H 16 -1.54 -16.07 4.01
OG SET H 16 -0.48 -16.46 3.14
NT SET H 16 -0.12 -18.68 5.91
C SET H 16 -1.22 -18.14 5.37
O SET H 16 -2.13 -18.80 4.88
S SO4 I . -0.81 7.28 8.04
O1 SO4 I . -0.11 6.04 7.72
O2 SO4 I . -2.01 7.00 8.84
O3 SO4 I . 0.09 8.12 8.84
O4 SO4 I . -1.21 7.98 6.83
S SO4 J . -3.16 -8.79 9.80
O1 SO4 J . -2.28 -9.82 9.27
O2 SO4 J . -3.60 -9.21 11.14
O3 SO4 J . -2.42 -7.55 9.93
O4 SO4 J . -4.34 -8.57 8.98
S SO4 K . 3.73 43.06 -11.37
O1 SO4 K . 2.69 42.06 -11.21
O2 SO4 K . 4.50 43.18 -10.13
O3 SO4 K . 4.63 42.68 -12.45
O4 SO4 K . 3.11 44.35 -11.68
O1 PE8 L . -29.95 0.89 -23.49
C2 PE8 L . -30.99 1.85 -23.71
C3 PE8 L . -30.73 3.07 -22.85
O4 PE8 L . -29.35 3.42 -22.96
C5 PE8 L . -29.16 4.81 -22.74
C6 PE8 L . -27.67 5.13 -22.80
O7 PE8 L . -27.38 5.79 -24.04
C8 PE8 L . -27.32 4.81 -25.06
C9 PE8 L . -26.44 5.24 -26.22
O10 PE8 L . -26.50 4.17 -27.16
C11 PE8 L . -27.84 4.00 -27.64
C12 PE8 L . -28.03 2.62 -28.27
O13 PE8 L . -29.41 2.25 -28.24
S SO4 M . -32.23 2.49 -16.95
O1 SO4 M . -33.01 1.44 -17.59
O2 SO4 M . -32.05 2.20 -15.54
O3 SO4 M . -30.92 2.62 -17.60
O4 SO4 M . -32.91 3.77 -17.09
S SO4 N . -3.72 -12.51 -23.31
O1 SO4 N . -4.63 -13.50 -23.91
O2 SO4 N . -4.44 -11.64 -22.39
O3 SO4 N . -2.68 -13.22 -22.55
O4 SO4 N . -3.11 -11.72 -24.36
S SO4 O . 8.82 -8.21 6.06
O1 SO4 O . 7.65 -8.81 6.71
O2 SO4 O . 9.40 -7.22 6.97
O3 SO4 O . 9.81 -9.21 5.67
O4 SO4 O . 8.38 -7.52 4.84
S SO4 P . 1.94 -7.14 13.66
O1 SO4 P . 1.80 -8.27 14.58
O2 SO4 P . 2.86 -6.18 14.25
O3 SO4 P . 2.47 -7.62 12.39
O4 SO4 P . 0.66 -6.48 13.42
O1 PE8 Q . 9.59 -3.84 5.04
C2 PE8 Q . 9.19 -3.77 3.68
C3 PE8 Q . 10.40 -3.86 2.75
O4 PE8 Q . 11.15 -5.05 2.99
C5 PE8 Q . 12.06 -5.30 1.91
C6 PE8 Q . 13.21 -4.33 2.07
O7 PE8 Q . 14.10 -4.37 0.95
C8 PE8 Q . 15.08 -3.35 1.08
C9 PE8 Q . 14.36 -2.01 0.94
O10 PE8 Q . 15.20 -0.90 1.25
C11 PE8 Q . 15.02 -0.54 2.62
C12 PE8 Q . 13.56 -0.19 2.86
O13 PE8 Q . 13.20 -0.82 4.10
C14 PE8 Q . 12.39 0.05 4.85
C15 PE8 Q . 13.06 0.35 6.18
O16 PE8 Q . 14.48 0.18 6.13
C17 PE8 Q . 15.03 1.00 7.17
C18 PE8 Q . 16.29 0.34 7.71
O19 PE8 Q . 17.30 0.39 6.70
C20 PE8 Q . 17.62 -0.92 6.25
C21 PE8 Q . 18.83 -0.85 5.32
O22 PE8 Q . 19.96 -0.48 6.10
C23 PE8 Q . 20.96 -1.50 6.06
C24 PE8 Q . 22.30 -0.92 6.54
O25 PE8 Q . 22.16 -0.46 7.89
S SO4 R . 19.84 24.30 -1.66
O1 SO4 R . 18.94 23.53 -2.51
O2 SO4 R . 19.64 23.84 -0.28
O3 SO4 R . 21.22 24.02 -2.04
O4 SO4 R . 19.59 25.73 -1.80
S SO4 S . 8.95 -22.00 5.65
O1 SO4 S . 9.38 -23.31 6.13
O2 SO4 S . 7.90 -21.48 6.53
O3 SO4 S . 10.11 -21.12 5.61
O4 SO4 S . 8.40 -22.12 4.30
#